data_2QVP
#
_entry.id   2QVP
#
_cell.length_a   64.040
_cell.length_b   74.750
_cell.length_c   96.120
_cell.angle_alpha   90.000
_cell.angle_beta   95.190
_cell.angle_gamma   90.000
#
_symmetry.space_group_name_H-M   'P 1 21 1'
#
loop_
_entity.id
_entity.type
_entity.pdbx_description
1 polymer 'Uncharacterized protein'
2 non-polymer 'SULFATE ION'
3 non-polymer GLYCEROL
4 water water
#
_entity_poly.entity_id   1
_entity_poly.type   'polypeptide(L)'
_entity_poly.pdbx_seq_one_letter_code
;G(MSE)SRSPFQTFVWRSEIFECQSTDIQRFYSLLAIETERLGLGSKILGQAGHHPLYLLQSPGQKAGLPNLLISAGFHG
EESAGPWGLLHFLSQLDGELFKRVNLSVLPLVNPTGFAKGHRFNELGENPNRGFFIENGKAKPGADTSAEGRILLEHAHL
LQVASRDGILTCHEDVL(MSE)TDTYVYTFEPSQAPGRFSHSLRDALGQYFPIAADGDVDNCPVRSGVIFNHFDTSFESF
LVRSGARVGCCSETPGQQPLDQRILANAAA(MSE)NTFVN(MSE)LAPELS
;
_entity_poly.pdbx_strand_id   A,B,C
#
# COMPACT_ATOMS: atom_id res chain seq x y z
N GLN A 8 -12.74 28.86 4.72
CA GLN A 8 -14.05 28.26 4.31
C GLN A 8 -14.13 28.02 2.80
N THR A 9 -14.17 29.08 1.98
CA THR A 9 -14.31 28.92 0.51
C THR A 9 -12.98 28.64 -0.16
N PHE A 10 -12.96 27.58 -0.99
CA PHE A 10 -11.78 27.14 -1.74
C PHE A 10 -12.10 26.98 -3.23
N VAL A 11 -11.36 27.69 -4.08
CA VAL A 11 -11.57 27.66 -5.53
C VAL A 11 -10.24 27.63 -6.26
N TRP A 12 -10.12 26.76 -7.25
CA TRP A 12 -8.97 26.69 -8.11
C TRP A 12 -9.40 26.72 -9.59
N ARG A 13 -8.44 27.06 -10.44
CA ARG A 13 -8.62 27.08 -11.89
C ARG A 13 -8.09 25.76 -12.38
N SER A 14 -8.82 25.11 -13.28
CA SER A 14 -8.37 23.90 -13.94
C SER A 14 -8.09 24.25 -15.38
N GLU A 15 -6.94 23.83 -15.89
CA GLU A 15 -6.58 23.96 -17.30
C GLU A 15 -7.07 22.75 -18.07
N ILE A 16 -7.09 21.57 -17.42
CA ILE A 16 -7.66 20.33 -18.00
C ILE A 16 -9.11 20.62 -18.41
N PHE A 17 -9.85 21.32 -17.55
CA PHE A 17 -11.25 21.67 -17.85
C PHE A 17 -11.51 23.12 -18.23
N GLU A 18 -10.49 23.98 -18.18
CA GLU A 18 -10.59 25.40 -18.60
C GLU A 18 -11.73 26.11 -17.89
N CYS A 19 -11.76 26.00 -16.56
CA CYS A 19 -12.83 26.58 -15.77
C CYS A 19 -12.45 26.61 -14.31
N GLN A 20 -13.28 27.26 -13.51
CA GLN A 20 -13.11 27.31 -12.06
C GLN A 20 -13.63 25.99 -11.51
N SER A 21 -13.05 25.57 -10.39
CA SER A 21 -13.38 24.29 -9.78
C SER A 21 -14.79 24.25 -9.21
N THR A 22 -15.39 25.41 -8.98
CA THR A 22 -16.74 25.50 -8.50
C THR A 22 -17.74 25.61 -9.67
N ASP A 23 -17.28 25.53 -10.93
CA ASP A 23 -18.17 25.69 -12.10
C ASP A 23 -19.05 24.43 -12.26
N ILE A 24 -20.12 24.40 -11.47
CA ILE A 24 -21.04 23.27 -11.40
C ILE A 24 -21.86 23.10 -12.69
N GLN A 25 -22.16 24.20 -13.39
CA GLN A 25 -22.86 24.11 -14.69
C GLN A 25 -21.99 23.40 -15.73
N ARG A 26 -20.70 23.78 -15.78
CA ARG A 26 -19.72 23.14 -16.64
C ARG A 26 -19.53 21.68 -16.25
N PHE A 27 -19.45 21.41 -14.94
CA PHE A 27 -19.34 20.05 -14.41
C PHE A 27 -20.48 19.14 -14.93
N TYR A 28 -21.73 19.53 -14.70
CA TYR A 28 -22.86 18.74 -15.15
C TYR A 28 -22.94 18.65 -16.65
N SER A 29 -22.56 19.70 -17.38
CA SER A 29 -22.50 19.62 -18.85
C SER A 29 -21.55 18.53 -19.36
N LEU A 30 -20.33 18.52 -18.81
CA LEU A 30 -19.33 17.55 -19.21
C LEU A 30 -19.65 16.14 -18.73
N LEU A 31 -20.29 16.03 -17.58
CA LEU A 31 -20.71 14.77 -17.04
C LEU A 31 -21.79 14.17 -17.94
N ALA A 32 -22.70 15.00 -18.45
CA ALA A 32 -23.75 14.55 -19.36
C ALA A 32 -23.15 13.99 -20.66
N ILE A 33 -22.12 14.66 -21.19
CA ILE A 33 -21.40 14.23 -22.38
C ILE A 33 -20.84 12.84 -22.16
N GLU A 34 -20.22 12.62 -21.01
CA GLU A 34 -19.66 11.30 -20.72
C GLU A 34 -20.72 10.22 -20.49
N THR A 35 -21.83 10.58 -19.83
CA THR A 35 -22.94 9.65 -19.62
C THR A 35 -23.46 9.13 -20.97
N GLU A 36 -23.61 10.07 -21.88
CA GLU A 36 -24.08 9.84 -23.22
C GLU A 36 -23.07 9.03 -24.06
N ARG A 37 -21.78 9.38 -23.94
CA ARG A 37 -20.76 8.68 -24.72
C ARG A 37 -20.68 7.17 -24.38
N LEU A 38 -20.62 6.88 -23.09
CA LEU A 38 -20.47 5.54 -22.56
C LEU A 38 -21.81 4.79 -22.40
N GLY A 39 -22.95 5.43 -22.68
CA GLY A 39 -24.27 4.79 -22.51
C GLY A 39 -24.68 4.49 -21.08
N LEU A 40 -24.18 5.29 -20.14
CA LEU A 40 -24.43 5.06 -18.71
C LEU A 40 -25.87 5.39 -18.40
N GLY A 41 -26.46 4.59 -17.51
CA GLY A 41 -27.79 4.85 -17.01
C GLY A 41 -27.55 5.96 -16.01
N SER A 42 -28.51 6.87 -15.93
CA SER A 42 -28.49 8.02 -15.04
C SER A 42 -29.75 7.92 -14.20
N LYS A 43 -29.61 8.02 -12.88
CA LYS A 43 -30.74 7.98 -11.95
C LYS A 43 -30.55 9.12 -10.97
N ILE A 44 -31.52 10.03 -10.90
CA ILE A 44 -31.47 11.13 -9.96
C ILE A 44 -32.00 10.59 -8.62
N LEU A 45 -31.09 10.41 -7.67
CA LEU A 45 -31.47 9.93 -6.33
C LEU A 45 -32.28 10.98 -5.58
N GLY A 46 -31.95 12.25 -5.82
CA GLY A 46 -32.65 13.37 -5.20
C GLY A 46 -32.01 14.67 -5.63
N GLN A 47 -32.54 15.78 -5.13
CA GLN A 47 -32.04 17.12 -5.42
C GLN A 47 -31.50 17.73 -4.13
N ALA A 48 -30.44 18.50 -4.25
CA ALA A 48 -29.85 19.27 -3.16
C ALA A 48 -29.67 20.67 -3.76
N GLY A 49 -30.41 21.64 -3.23
CA GLY A 49 -30.41 23.03 -3.73
C GLY A 49 -30.72 23.12 -5.21
N HIS A 50 -31.67 22.29 -5.66
CA HIS A 50 -32.10 22.18 -7.06
C HIS A 50 -31.00 21.69 -8.03
N HIS A 51 -30.02 20.96 -7.48
CA HIS A 51 -28.93 20.33 -8.23
C HIS A 51 -29.12 18.83 -8.03
N PRO A 52 -29.09 18.05 -9.11
CA PRO A 52 -29.36 16.63 -8.93
C PRO A 52 -28.21 15.85 -8.31
N LEU A 53 -28.54 14.91 -7.44
CA LEU A 53 -27.59 13.93 -6.93
C LEU A 53 -27.77 12.67 -7.78
N TYR A 54 -26.81 12.44 -8.68
CA TYR A 54 -26.84 11.30 -9.60
C TYR A 54 -26.18 10.02 -9.14
N LEU A 55 -26.74 8.91 -9.61
CA LEU A 55 -26.11 7.62 -9.56
C LEU A 55 -25.98 7.22 -11.03
N LEU A 56 -24.77 7.09 -11.53
CA LEU A 56 -24.55 6.70 -12.91
C LEU A 56 -24.16 5.24 -12.87
N GLN A 57 -24.74 4.42 -13.72
CA GLN A 57 -24.42 2.99 -13.75
C GLN A 57 -24.08 2.57 -15.17
N SER A 58 -23.06 1.74 -15.31
CA SER A 58 -22.67 1.25 -16.61
C SER A 58 -23.82 0.41 -17.21
N PRO A 59 -23.89 0.36 -18.55
CA PRO A 59 -24.94 -0.40 -19.23
C PRO A 59 -24.75 -1.91 -19.23
N GLY A 60 -25.88 -2.62 -19.23
CA GLY A 60 -25.90 -4.09 -19.33
C GLY A 60 -25.15 -4.82 -18.24
N GLN A 61 -25.46 -4.46 -17.00
CA GLN A 61 -24.79 -5.07 -15.84
C GLN A 61 -25.17 -6.58 -15.67
N LYS A 62 -24.15 -7.45 -15.66
CA LYS A 62 -24.31 -8.91 -15.63
C LYS A 62 -24.05 -9.52 -14.25
N ALA A 63 -24.73 -10.64 -14.00
CA ALA A 63 -24.71 -11.36 -12.71
C ALA A 63 -23.35 -11.69 -12.11
N GLY A 64 -22.45 -12.20 -12.95
CA GLY A 64 -21.13 -12.66 -12.51
C GLY A 64 -19.95 -11.70 -12.47
N LEU A 65 -20.18 -10.41 -12.76
CA LEU A 65 -19.11 -9.41 -12.78
C LEU A 65 -19.12 -8.68 -11.46
N PRO A 66 -17.93 -8.18 -11.02
CA PRO A 66 -17.91 -7.41 -9.77
C PRO A 66 -18.71 -6.10 -9.85
N ASN A 67 -19.28 -5.72 -8.73
CA ASN A 67 -20.02 -4.51 -8.54
C ASN A 67 -19.12 -3.57 -7.79
N LEU A 68 -18.60 -2.57 -8.52
CA LEU A 68 -17.76 -1.56 -7.96
C LEU A 68 -18.48 -0.19 -7.94
N LEU A 69 -18.35 0.55 -6.85
CA LEU A 69 -18.92 1.90 -6.73
C LEU A 69 -17.81 2.91 -6.48
N ILE A 70 -17.86 4.02 -7.20
CA ILE A 70 -16.95 5.10 -7.01
C ILE A 70 -17.77 6.32 -6.59
N SER A 71 -17.43 6.96 -5.46
CA SER A 71 -18.15 8.18 -5.05
C SER A 71 -17.21 9.39 -4.90
N ALA A 72 -17.76 10.58 -5.10
CA ALA A 72 -16.96 11.80 -4.96
C ALA A 72 -17.85 12.96 -4.53
N GLY A 73 -17.18 14.00 -4.02
CA GLY A 73 -17.81 15.26 -3.67
C GLY A 73 -18.72 15.33 -2.48
N PHE A 74 -18.41 14.59 -1.42
CA PHE A 74 -19.14 14.69 -0.16
C PHE A 74 -18.88 16.06 0.48
N HIS A 75 -17.63 16.53 0.37
CA HIS A 75 -17.22 17.82 0.86
C HIS A 75 -16.90 18.70 -0.34
N GLY A 76 -17.59 19.83 -0.42
CA GLY A 76 -17.49 20.75 -1.57
C GLY A 76 -16.15 21.38 -1.88
N GLU A 77 -15.29 21.52 -0.87
CA GLU A 77 -13.93 22.04 -1.12
C GLU A 77 -13.01 20.96 -1.73
N GLU A 78 -13.40 19.69 -1.68
CA GLU A 78 -12.56 18.59 -2.14
C GLU A 78 -12.93 18.30 -3.59
N SER A 79 -12.86 19.35 -4.39
CA SER A 79 -13.31 19.38 -5.77
C SER A 79 -12.56 18.49 -6.75
N ALA A 80 -11.33 18.11 -6.45
CA ALA A 80 -10.56 17.25 -7.37
C ALA A 80 -11.16 15.82 -7.48
N GLY A 81 -12.01 15.44 -6.51
CA GLY A 81 -12.72 14.17 -6.58
C GLY A 81 -13.63 14.13 -7.80
N PRO A 82 -14.70 14.98 -7.83
CA PRO A 82 -15.60 15.09 -8.97
C PRO A 82 -14.94 15.37 -10.31
N TRP A 83 -13.99 16.31 -10.35
CA TRP A 83 -13.31 16.63 -11.59
C TRP A 83 -12.45 15.47 -12.02
N GLY A 84 -11.83 14.78 -11.07
CA GLY A 84 -11.04 13.60 -11.35
C GLY A 84 -11.90 12.49 -11.90
N LEU A 85 -13.11 12.33 -11.35
CA LEU A 85 -14.03 11.31 -11.85
C LEU A 85 -14.42 11.61 -13.28
N LEU A 86 -14.66 12.88 -13.55
CA LEU A 86 -14.98 13.32 -14.89
C LEU A 86 -13.81 12.97 -15.81
N HIS A 87 -12.58 13.23 -15.35
CA HIS A 87 -11.37 12.90 -16.14
C HIS A 87 -11.23 11.37 -16.37
N PHE A 88 -11.48 10.59 -15.32
CA PHE A 88 -11.47 9.11 -15.37
C PHE A 88 -12.42 8.61 -16.46
N LEU A 89 -13.66 9.09 -16.43
CA LEU A 89 -14.69 8.66 -17.41
C LEU A 89 -14.33 8.98 -18.84
N SER A 90 -13.77 10.17 -19.03
CA SER A 90 -13.38 10.67 -20.33
C SER A 90 -12.33 9.76 -21.01
N GLN A 91 -11.48 9.10 -20.21
CA GLN A 91 -10.49 8.14 -20.71
C GLN A 91 -11.06 6.74 -20.93
N LEU A 92 -12.26 6.44 -20.43
CA LEU A 92 -12.80 5.07 -20.54
C LEU A 92 -13.18 4.71 -21.94
N ASP A 93 -13.10 3.41 -22.17
CA ASP A 93 -13.27 2.80 -23.45
C ASP A 93 -14.68 2.31 -23.72
N GLY A 94 -15.32 1.71 -22.70
CA GLY A 94 -16.62 1.04 -22.88
C GLY A 94 -16.43 -0.48 -22.78
N GLU A 95 -15.30 -0.97 -23.33
CA GLU A 95 -14.92 -2.36 -23.19
C GLU A 95 -14.82 -2.73 -21.70
N LEU A 96 -14.35 -1.81 -20.86
CA LEU A 96 -14.27 -2.00 -19.40
C LEU A 96 -15.55 -2.62 -18.80
N PHE A 97 -16.72 -2.23 -19.30
CA PHE A 97 -18.01 -2.69 -18.75
C PHE A 97 -18.32 -4.15 -19.03
N LYS A 98 -17.58 -4.76 -19.94
CA LYS A 98 -17.65 -6.20 -20.16
C LYS A 98 -17.07 -6.96 -18.96
N ARG A 99 -16.28 -6.32 -18.09
CA ARG A 99 -15.71 -7.00 -16.93
C ARG A 99 -16.01 -6.41 -15.53
N VAL A 100 -16.78 -5.33 -15.46
CA VAL A 100 -17.19 -4.72 -14.20
C VAL A 100 -18.56 -4.03 -14.34
N ASN A 101 -19.37 -4.12 -13.28
CA ASN A 101 -20.63 -3.41 -13.17
C ASN A 101 -20.24 -2.17 -12.42
N LEU A 102 -19.88 -1.12 -13.16
CA LEU A 102 -19.38 0.09 -12.50
C LEU A 102 -20.51 1.08 -12.22
N SER A 103 -20.59 1.55 -10.98
CA SER A 103 -21.51 2.60 -10.55
C SER A 103 -20.72 3.79 -10.02
N VAL A 104 -21.28 4.99 -10.19
CA VAL A 104 -20.59 6.18 -9.76
C VAL A 104 -21.55 7.18 -9.14
N LEU A 105 -21.18 7.76 -7.99
CA LEU A 105 -21.87 8.87 -7.35
C LEU A 105 -20.91 10.03 -7.65
N PRO A 106 -21.06 10.70 -8.80
CA PRO A 106 -20.07 11.71 -9.18
C PRO A 106 -19.95 12.97 -8.29
N LEU A 107 -21.06 13.39 -7.69
CA LEU A 107 -21.14 14.57 -6.83
C LEU A 107 -22.29 14.44 -5.82
N VAL A 108 -21.94 14.24 -4.56
CA VAL A 108 -22.90 14.09 -3.48
C VAL A 108 -23.30 15.42 -2.85
N ASN A 109 -22.43 16.42 -2.84
CA ASN A 109 -22.72 17.70 -2.24
C ASN A 109 -22.59 18.83 -3.28
N PRO A 110 -23.58 18.97 -4.18
CA PRO A 110 -23.50 20.03 -5.21
C PRO A 110 -23.53 21.48 -4.67
N THR A 111 -24.22 21.72 -3.54
CA THR A 111 -24.37 23.07 -2.98
C THR A 111 -23.04 23.51 -2.35
N GLY A 112 -22.34 22.57 -1.72
CA GLY A 112 -21.01 22.81 -1.23
C GLY A 112 -20.07 23.05 -2.39
N PHE A 113 -20.07 22.10 -3.32
CA PHE A 113 -19.24 22.14 -4.55
C PHE A 113 -19.33 23.45 -5.33
N ALA A 114 -20.56 23.91 -5.55
CA ALA A 114 -20.83 25.13 -6.28
C ALA A 114 -20.20 26.36 -5.63
N LYS A 115 -20.03 26.34 -4.30
CA LYS A 115 -19.45 27.45 -3.54
C LYS A 115 -18.02 27.24 -3.08
N GLY A 116 -17.51 26.02 -3.25
CA GLY A 116 -16.16 25.67 -2.80
C GLY A 116 -16.02 25.53 -1.30
N HIS A 117 -17.09 25.14 -0.60
CA HIS A 117 -17.01 24.92 0.86
C HIS A 117 -17.44 23.52 1.24
N ARG A 118 -16.84 23.06 2.33
CA ARG A 118 -17.04 21.72 2.84
CA ARG A 118 -17.03 21.73 2.87
C ARG A 118 -18.48 21.31 3.06
N PHE A 119 -19.24 22.09 3.83
CA PHE A 119 -20.62 21.71 4.11
C PHE A 119 -21.61 22.02 2.98
N ASN A 120 -22.83 21.54 3.12
CA ASN A 120 -23.91 21.87 2.18
C ASN A 120 -24.46 23.23 2.58
N GLU A 121 -25.43 23.75 1.82
CA GLU A 121 -26.06 25.08 2.06
C GLU A 121 -26.68 25.21 3.47
N LEU A 122 -27.11 24.08 4.04
CA LEU A 122 -27.67 24.02 5.41
C LEU A 122 -26.61 23.88 6.52
N GLY A 123 -25.32 23.85 6.17
CA GLY A 123 -24.20 23.69 7.14
C GLY A 123 -23.89 22.26 7.60
N GLU A 124 -24.58 21.28 6.98
CA GLU A 124 -24.47 19.87 7.34
CA GLU A 124 -24.46 19.87 7.34
C GLU A 124 -23.28 19.22 6.62
N ASN A 125 -22.66 18.25 7.26
CA ASN A 125 -21.56 17.45 6.71
C ASN A 125 -22.15 16.21 6.04
N PRO A 126 -22.19 16.15 4.69
CA PRO A 126 -22.77 14.96 4.06
C PRO A 126 -22.05 13.63 4.19
N ASN A 127 -20.82 13.59 4.67
CA ASN A 127 -20.06 12.36 4.77
C ASN A 127 -20.32 11.63 6.08
N ARG A 128 -21.07 12.19 7.02
CA ARG A 128 -21.30 11.46 8.26
C ARG A 128 -22.78 11.22 8.55
N GLY A 129 -23.03 10.29 9.46
CA GLY A 129 -24.37 9.88 9.84
C GLY A 129 -24.98 8.77 9.02
N PHE A 130 -24.19 7.78 8.64
CA PHE A 130 -24.67 6.61 7.90
C PHE A 130 -24.61 5.45 8.87
N PHE A 131 -25.77 4.88 9.21
CA PHE A 131 -25.85 3.85 10.22
C PHE A 131 -26.46 2.59 9.66
N ILE A 132 -26.09 1.48 10.29
CA ILE A 132 -26.64 0.20 9.98
C ILE A 132 -26.87 -0.38 11.39
N GLU A 133 -28.15 -0.66 11.69
CA GLU A 133 -28.60 -1.17 13.00
C GLU A 133 -29.32 -2.50 12.80
N ASN A 134 -28.71 -3.56 13.33
CA ASN A 134 -29.23 -4.93 13.21
C ASN A 134 -29.61 -5.28 11.76
N GLY A 135 -28.70 -4.97 10.85
CA GLY A 135 -28.83 -5.20 9.41
C GLY A 135 -29.56 -4.12 8.60
N LYS A 136 -30.19 -3.16 9.26
CA LYS A 136 -31.00 -2.17 8.60
C LYS A 136 -30.28 -0.83 8.50
N ALA A 137 -30.11 -0.36 7.27
CA ALA A 137 -29.54 0.95 6.98
C ALA A 137 -30.51 2.04 7.46
N LYS A 138 -29.97 3.10 8.09
CA LYS A 138 -30.81 4.21 8.54
C LYS A 138 -30.03 5.48 8.83
N PRO A 139 -30.71 6.65 8.76
CA PRO A 139 -30.05 7.89 9.12
C PRO A 139 -30.16 8.07 10.65
N GLY A 140 -29.58 9.14 11.16
CA GLY A 140 -29.59 9.46 12.58
C GLY A 140 -29.66 10.96 12.71
N ALA A 141 -29.45 11.41 13.93
CA ALA A 141 -29.51 12.84 14.32
C ALA A 141 -28.59 13.74 13.51
N ASP A 142 -27.43 13.24 13.13
CA ASP A 142 -26.46 14.04 12.36
C ASP A 142 -26.42 13.77 10.84
N THR A 143 -27.40 13.06 10.27
CA THR A 143 -27.36 12.77 8.82
C THR A 143 -27.78 14.03 8.08
N SER A 144 -27.06 14.38 7.03
CA SER A 144 -27.38 15.53 6.20
C SER A 144 -28.50 15.13 5.25
N ALA A 145 -29.14 16.13 4.63
CA ALA A 145 -30.18 15.90 3.60
C ALA A 145 -29.73 14.93 2.49
N GLU A 146 -28.48 15.07 2.06
CA GLU A 146 -27.91 14.22 1.01
C GLU A 146 -27.72 12.79 1.53
N GLY A 147 -27.26 12.70 2.78
CA GLY A 147 -27.07 11.42 3.42
C GLY A 147 -28.39 10.71 3.51
N ARG A 148 -29.48 11.45 3.82
CA ARG A 148 -30.81 10.85 3.89
CA ARG A 148 -30.82 10.87 3.88
C ARG A 148 -31.25 10.37 2.50
N ILE A 149 -30.93 11.14 1.44
CA ILE A 149 -31.24 10.73 0.04
C ILE A 149 -30.53 9.42 -0.31
N LEU A 150 -29.23 9.33 0.00
CA LEU A 150 -28.47 8.10 -0.27
CA LEU A 150 -28.46 8.11 -0.25
C LEU A 150 -28.96 6.91 0.57
N LEU A 151 -29.33 7.16 1.84
CA LEU A 151 -29.84 6.08 2.70
C LEU A 151 -31.18 5.56 2.22
N GLU A 152 -32.00 6.43 1.65
CA GLU A 152 -33.24 5.99 1.02
C GLU A 152 -32.99 5.02 -0.13
N HIS A 153 -31.79 5.01 -0.75
CA HIS A 153 -31.45 4.04 -1.82
C HIS A 153 -30.33 3.15 -1.33
N ALA A 154 -30.39 2.76 -0.05
CA ALA A 154 -29.33 2.00 0.59
C ALA A 154 -29.08 0.69 -0.10
N HIS A 155 -30.15 -0.05 -0.37
CA HIS A 155 -30.02 -1.36 -1.02
C HIS A 155 -29.30 -1.28 -2.35
N LEU A 156 -29.72 -0.34 -3.20
CA LEU A 156 -29.09 -0.11 -4.50
C LEU A 156 -27.58 0.17 -4.39
N LEU A 157 -27.20 1.01 -3.43
CA LEU A 157 -25.81 1.42 -3.22
CA LEU A 157 -25.80 1.41 -3.22
C LEU A 157 -24.97 0.31 -2.59
N GLN A 158 -25.61 -0.55 -1.79
CA GLN A 158 -24.95 -1.69 -1.19
C GLN A 158 -24.66 -2.75 -2.26
N VAL A 159 -25.65 -3.03 -3.12
CA VAL A 159 -25.45 -3.94 -4.25
C VAL A 159 -24.37 -3.39 -5.19
N ALA A 160 -24.45 -2.09 -5.46
CA ALA A 160 -23.50 -1.38 -6.34
C ALA A 160 -22.05 -1.44 -5.85
N SER A 161 -21.84 -1.56 -4.55
CA SER A 161 -20.50 -1.59 -3.95
C SER A 161 -20.11 -2.93 -3.31
N ARG A 162 -20.85 -3.98 -3.63
CA ARG A 162 -20.67 -5.32 -3.07
C ARG A 162 -19.21 -5.79 -3.15
N ASP A 163 -18.54 -5.50 -4.26
CA ASP A 163 -17.16 -5.92 -4.50
C ASP A 163 -16.13 -4.83 -4.27
N GLY A 164 -16.56 -3.66 -3.81
CA GLY A 164 -15.65 -2.54 -3.53
C GLY A 164 -16.28 -1.15 -3.57
N ILE A 165 -15.81 -0.29 -2.67
CA ILE A 165 -16.14 1.12 -2.61
C ILE A 165 -14.83 1.94 -2.63
N LEU A 166 -14.80 2.95 -3.49
CA LEU A 166 -13.74 3.93 -3.50
C LEU A 166 -14.41 5.29 -3.39
N THR A 167 -14.12 6.05 -2.33
CA THR A 167 -14.62 7.42 -2.22
CA THR A 167 -14.61 7.43 -2.14
C THR A 167 -13.41 8.35 -2.35
N CYS A 168 -13.55 9.38 -3.17
CA CYS A 168 -12.45 10.25 -3.48
C CYS A 168 -12.50 11.58 -2.77
N HIS A 169 -11.72 11.64 -1.68
CA HIS A 169 -11.61 12.83 -0.83
C HIS A 169 -10.32 13.60 -1.09
N GLU A 170 -10.25 14.77 -0.46
CA GLU A 170 -9.08 15.60 -0.42
C GLU A 170 -8.92 16.12 0.99
N ASP A 171 -7.68 16.26 1.44
CA ASP A 171 -7.42 16.81 2.78
C ASP A 171 -6.90 18.21 2.41
N VAL A 172 -7.78 19.21 2.54
CA VAL A 172 -7.53 20.55 1.90
C VAL A 172 -6.24 21.29 2.29
N LEU A 173 -5.83 21.15 3.56
CA LEU A 173 -4.61 21.77 4.10
C LEU A 173 -3.36 20.84 4.04
N THR A 175 -0.26 18.69 2.12
CA THR A 175 0.69 18.66 0.99
C THR A 175 1.00 17.19 0.59
N ASP A 176 0.96 16.28 1.56
CA ASP A 176 1.22 14.85 1.35
C ASP A 176 -0.08 14.08 1.26
N THR A 177 0.02 12.91 0.63
CA THR A 177 -1.15 12.07 0.34
C THR A 177 -1.13 10.80 1.19
N TYR A 178 -2.31 10.21 1.34
CA TYR A 178 -2.51 9.00 2.13
C TYR A 178 -3.87 8.43 1.75
N VAL A 179 -4.17 7.27 2.30
CA VAL A 179 -5.42 6.59 2.06
C VAL A 179 -5.94 5.96 3.35
N TYR A 180 -7.27 5.87 3.43
CA TYR A 180 -7.98 5.14 4.43
C TYR A 180 -8.35 3.90 3.68
N THR A 181 -8.03 2.71 4.20
CA THR A 181 -8.46 1.49 3.52
C THR A 181 -9.12 0.50 4.48
N PHE A 182 -9.89 -0.39 3.88
CA PHE A 182 -10.61 -1.43 4.54
C PHE A 182 -10.36 -2.73 3.79
N GLU A 183 -9.80 -3.73 4.49
CA GLU A 183 -9.61 -5.05 3.90
C GLU A 183 -9.88 -6.05 4.99
N PRO A 184 -10.36 -7.27 4.63
CA PRO A 184 -10.63 -8.30 5.65
C PRO A 184 -9.35 -9.04 6.11
N SER A 185 -8.42 -8.30 6.74
CA SER A 185 -7.14 -8.86 7.20
C SER A 185 -6.59 -8.06 8.38
N GLN A 186 -5.51 -8.55 9.00
CA GLN A 186 -4.90 -7.89 10.17
C GLN A 186 -4.10 -6.66 9.76
N ALA A 187 -3.51 -6.69 8.56
CA ALA A 187 -2.70 -5.60 8.05
C ALA A 187 -3.05 -5.28 6.60
N PRO A 188 -2.70 -4.06 6.15
CA PRO A 188 -2.91 -3.72 4.76
C PRO A 188 -2.14 -4.65 3.78
N GLY A 189 -2.72 -4.90 2.60
CA GLY A 189 -2.13 -5.73 1.55
C GLY A 189 -1.97 -5.00 0.23
N ARG A 190 -1.85 -5.76 -0.86
CA ARG A 190 -1.66 -5.26 -2.23
C ARG A 190 -2.67 -4.20 -2.62
N PHE A 191 -3.94 -4.42 -2.27
CA PHE A 191 -5.03 -3.48 -2.53
C PHE A 191 -4.74 -2.08 -1.98
N SER A 192 -4.44 -2.02 -0.69
CA SER A 192 -4.11 -0.80 -0.01
C SER A 192 -2.85 -0.14 -0.59
N HIS A 193 -1.80 -0.96 -0.73
CA HIS A 193 -0.52 -0.46 -1.24
C HIS A 193 -0.60 0.06 -2.69
N SER A 194 -1.39 -0.59 -3.53
CA SER A 194 -1.49 -0.16 -4.94
CA SER A 194 -1.56 -0.17 -4.95
C SER A 194 -2.19 1.21 -5.06
N LEU A 195 -3.26 1.41 -4.30
CA LEU A 195 -3.98 2.68 -4.30
CA LEU A 195 -3.99 2.67 -4.28
C LEU A 195 -3.13 3.80 -3.72
N ARG A 196 -2.41 3.51 -2.65
CA ARG A 196 -1.57 4.56 -2.09
C ARG A 196 -0.40 4.83 -3.02
N ASP A 197 0.16 3.78 -3.65
CA ASP A 197 1.22 3.96 -4.65
C ASP A 197 0.75 4.80 -5.82
N ALA A 198 -0.46 4.54 -6.32
CA ALA A 198 -1.05 5.31 -7.40
C ALA A 198 -1.03 6.82 -7.11
N LEU A 199 -1.46 7.20 -5.91
CA LEU A 199 -1.42 8.62 -5.47
C LEU A 199 0.01 9.12 -5.28
N GLY A 200 0.88 8.22 -4.80
CA GLY A 200 2.32 8.44 -4.60
C GLY A 200 3.12 8.75 -5.85
N GLN A 201 2.55 8.46 -7.02
CA GLN A 201 3.18 8.81 -8.28
C GLN A 201 3.08 10.32 -8.49
N TYR A 202 2.06 10.95 -7.88
CA TYR A 202 1.84 12.39 -7.98
C TYR A 202 2.37 13.19 -6.77
N PHE A 203 2.27 12.64 -5.55
CA PHE A 203 2.67 13.42 -4.36
C PHE A 203 3.44 12.63 -3.33
N PRO A 204 4.14 13.32 -2.41
CA PRO A 204 4.79 12.54 -1.36
C PRO A 204 3.76 11.87 -0.44
N ILE A 205 4.10 10.68 0.06
CA ILE A 205 3.23 9.92 0.95
C ILE A 205 3.36 10.53 2.35
N ALA A 206 2.24 10.62 3.07
CA ALA A 206 2.22 11.20 4.43
C ALA A 206 3.07 10.37 5.41
N ALA A 207 3.91 11.06 6.20
CA ALA A 207 4.79 10.40 7.18
C ALA A 207 3.95 9.79 8.31
N ASP A 208 4.49 8.75 8.93
CA ASP A 208 3.81 8.09 10.05
C ASP A 208 3.52 9.06 11.16
N GLY A 209 2.28 8.98 11.68
CA GLY A 209 1.79 9.86 12.73
C GLY A 209 0.28 9.92 12.70
N ASP A 210 -0.28 10.89 13.42
CA ASP A 210 -1.72 11.13 13.50
C ASP A 210 -2.18 12.18 12.50
N VAL A 211 -3.06 11.75 11.60
CA VAL A 211 -3.73 12.61 10.65
C VAL A 211 -5.18 12.53 11.12
N ASP A 212 -5.76 13.68 11.47
CA ASP A 212 -7.15 13.79 11.99
C ASP A 212 -7.46 12.78 13.11
N ASN A 213 -6.48 12.62 13.99
CA ASN A 213 -6.54 11.74 15.17
C ASN A 213 -6.52 10.22 14.83
N CYS A 214 -6.04 9.87 13.62
CA CYS A 214 -5.91 8.48 13.14
C CYS A 214 -4.46 8.13 12.84
N PRO A 215 -4.01 6.90 13.21
CA PRO A 215 -2.64 6.53 12.89
C PRO A 215 -2.44 6.13 11.40
N VAL A 216 -1.59 6.89 10.71
CA VAL A 216 -1.19 6.62 9.32
C VAL A 216 0.12 5.83 9.39
N ARG A 217 0.11 4.60 8.87
CA ARG A 217 1.29 3.72 8.82
C ARG A 217 1.55 3.37 7.37
N SER A 218 2.69 3.82 6.85
CA SER A 218 3.11 3.58 5.48
C SER A 218 2.02 4.03 4.49
N GLY A 219 1.56 5.27 4.68
CA GLY A 219 0.55 5.91 3.85
C GLY A 219 -0.88 5.44 3.93
N VAL A 220 -1.18 4.58 4.92
CA VAL A 220 -2.47 3.95 5.10
C VAL A 220 -3.04 4.04 6.55
N ILE A 221 -4.31 4.44 6.67
CA ILE A 221 -5.09 4.38 7.91
C ILE A 221 -5.99 3.19 7.64
N PHE A 222 -5.84 2.13 8.41
CA PHE A 222 -6.45 0.84 8.12
C PHE A 222 -7.60 0.46 9.04
N ASN A 223 -8.74 0.07 8.44
CA ASN A 223 -9.93 -0.39 9.16
C ASN A 223 -10.33 0.53 10.32
N HIS A 224 -10.47 1.83 10.00
CA HIS A 224 -10.90 2.85 10.96
C HIS A 224 -12.35 3.15 10.64
N PHE A 225 -13.27 2.60 11.43
CA PHE A 225 -14.70 2.77 11.23
C PHE A 225 -15.31 3.92 12.04
N ASP A 226 -16.18 4.68 11.38
CA ASP A 226 -16.94 5.76 11.99
C ASP A 226 -18.31 5.70 11.30
N THR A 227 -19.02 6.82 11.15
CA THR A 227 -20.33 6.83 10.47
C THR A 227 -20.22 7.42 9.05
N SER A 228 -19.02 7.32 8.45
CA SER A 228 -18.78 7.74 7.07
C SER A 228 -19.51 6.83 6.10
N PHE A 229 -19.73 7.35 4.89
CA PHE A 229 -20.38 6.58 3.83
C PHE A 229 -19.64 5.24 3.54
N GLU A 230 -18.32 5.32 3.43
CA GLU A 230 -17.46 4.13 3.17
C GLU A 230 -17.45 3.12 4.34
N SER A 231 -17.44 3.60 5.58
CA SER A 231 -17.58 2.74 6.76
C SER A 231 -18.93 2.01 6.68
N PHE A 232 -20.00 2.75 6.37
CA PHE A 232 -21.33 2.18 6.20
C PHE A 232 -21.36 1.04 5.15
N LEU A 233 -20.83 1.31 3.96
CA LEU A 233 -20.83 0.32 2.86
C LEU A 233 -19.94 -0.88 3.11
N VAL A 234 -18.81 -0.69 3.84
CA VAL A 234 -17.96 -1.81 4.25
C VAL A 234 -18.69 -2.67 5.31
N ARG A 235 -19.35 -2.02 6.29
CA ARG A 235 -20.12 -2.76 7.29
C ARG A 235 -21.34 -3.40 6.63
N SER A 236 -21.86 -2.81 5.55
CA SER A 236 -22.95 -3.40 4.79
C SER A 236 -22.54 -4.61 3.89
N GLY A 237 -21.24 -4.93 3.77
CA GLY A 237 -20.76 -6.05 2.93
C GLY A 237 -19.74 -5.76 1.82
N ALA A 238 -19.43 -4.48 1.52
CA ALA A 238 -18.41 -4.17 0.49
C ALA A 238 -17.13 -4.93 0.84
N ARG A 239 -16.62 -5.71 -0.10
CA ARG A 239 -15.45 -6.57 0.13
C ARG A 239 -14.23 -5.77 0.65
N VAL A 240 -13.92 -4.66 -0.03
CA VAL A 240 -12.81 -3.81 0.33
C VAL A 240 -13.28 -2.38 0.20
N GLY A 241 -12.54 -1.46 0.79
CA GLY A 241 -12.91 -0.05 0.67
C GLY A 241 -11.70 0.84 0.65
N CYS A 242 -11.88 2.05 0.11
CA CYS A 242 -10.83 3.01 0.15
C CYS A 242 -11.42 4.42 0.17
N CYS A 243 -10.82 5.28 0.97
CA CYS A 243 -11.11 6.70 0.93
C CYS A 243 -9.74 7.32 0.66
N SER A 244 -9.48 7.71 -0.60
CA SER A 244 -8.22 8.33 -1.03
C SER A 244 -8.20 9.80 -0.59
N GLU A 245 -7.06 10.33 -0.18
CA GLU A 245 -6.97 11.72 0.28
C GLU A 245 -5.90 12.49 -0.49
N THR A 246 -6.29 13.16 -1.57
CA THR A 246 -5.33 13.96 -2.32
C THR A 246 -5.08 15.29 -1.56
N PRO A 247 -3.85 15.84 -1.64
CA PRO A 247 -3.54 17.01 -0.83
C PRO A 247 -4.00 18.32 -1.47
N GLY A 248 -4.87 19.09 -0.79
CA GLY A 248 -5.42 20.36 -1.35
C GLY A 248 -4.46 21.52 -1.60
N GLN A 249 -3.30 21.48 -0.95
CA GLN A 249 -2.26 22.51 -1.14
C GLN A 249 -1.41 22.31 -2.42
N GLN A 250 -1.75 21.30 -3.22
CA GLN A 250 -1.10 21.00 -4.48
C GLN A 250 -1.93 21.57 -5.61
N PRO A 251 -1.35 21.63 -6.83
CA PRO A 251 -2.13 22.17 -7.96
C PRO A 251 -3.32 21.28 -8.31
N LEU A 252 -4.45 21.92 -8.60
CA LEU A 252 -5.70 21.23 -8.89
C LEU A 252 -5.56 20.15 -9.96
N ASP A 253 -4.99 20.48 -11.11
CA ASP A 253 -4.87 19.49 -12.20
C ASP A 253 -4.06 18.25 -11.79
N GLN A 254 -3.02 18.40 -10.96
CA GLN A 254 -2.28 17.23 -10.44
C GLN A 254 -3.20 16.37 -9.55
N ARG A 255 -3.96 17.03 -8.68
CA ARG A 255 -4.95 16.32 -7.88
C ARG A 255 -6.02 15.64 -8.72
N ILE A 256 -6.45 16.30 -9.81
CA ILE A 256 -7.41 15.72 -10.75
C ILE A 256 -6.83 14.43 -11.37
N LEU A 257 -5.57 14.49 -11.80
CA LEU A 257 -4.94 13.32 -12.43
C LEU A 257 -4.74 12.18 -11.45
N ALA A 258 -4.35 12.51 -10.21
CA ALA A 258 -4.13 11.53 -9.16
C ALA A 258 -5.41 10.82 -8.79
N ASN A 259 -6.49 11.57 -8.67
CA ASN A 259 -7.79 11.00 -8.41
C ASN A 259 -8.19 9.97 -9.49
N ALA A 260 -8.10 10.38 -10.74
CA ALA A 260 -8.41 9.50 -11.89
C ALA A 260 -7.54 8.23 -11.90
N ALA A 261 -6.26 8.40 -11.53
CA ALA A 261 -5.24 7.33 -11.45
C ALA A 261 -5.63 6.29 -10.41
N ALA A 262 -6.05 6.77 -9.23
CA ALA A 262 -6.54 5.90 -8.16
C ALA A 262 -7.80 5.13 -8.60
N ASN A 264 -8.63 4.31 -11.73
CA ASN A 264 -8.09 3.31 -12.65
C ASN A 264 -7.49 2.10 -11.94
N THR A 265 -6.67 2.35 -10.92
CA THR A 265 -6.03 1.28 -10.13
C THR A 265 -7.06 0.47 -9.37
N PHE A 266 -8.05 1.17 -8.79
CA PHE A 266 -9.14 0.54 -8.06
C PHE A 266 -9.90 -0.45 -8.94
N VAL A 267 -10.31 0.00 -10.14
CA VAL A 267 -11.03 -0.83 -11.11
CA VAL A 267 -11.03 -0.86 -11.10
C VAL A 267 -10.12 -1.92 -11.68
N ASN A 268 -8.85 -1.57 -11.96
CA ASN A 268 -7.83 -2.51 -12.47
C ASN A 268 -7.61 -3.73 -11.57
N LEU A 270 -9.62 -4.76 -8.85
CA LEU A 270 -10.87 -5.45 -8.59
C LEU A 270 -11.61 -6.01 -9.80
N ALA A 271 -11.32 -5.51 -11.00
CA ALA A 271 -11.92 -6.06 -12.23
C ALA A 271 -10.84 -6.09 -13.33
N PRO A 272 -9.84 -7.01 -13.20
CA PRO A 272 -8.67 -7.02 -14.14
C PRO A 272 -8.94 -7.40 -15.60
N GLU A 273 -8.12 -6.80 -16.50
CA GLU A 273 -8.18 -6.96 -17.98
C GLU A 273 -8.01 -8.41 -18.43
N PHE B 7 44.26 23.50 -20.10
CA PHE B 7 44.20 22.83 -21.44
C PHE B 7 42.83 22.10 -21.61
N GLN B 8 42.63 20.96 -20.94
CA GLN B 8 41.31 20.26 -20.94
C GLN B 8 40.96 19.74 -19.52
N THR B 9 41.91 19.17 -18.78
CA THR B 9 41.69 18.80 -17.40
C THR B 9 42.01 19.99 -16.46
N PHE B 10 41.07 20.32 -15.57
CA PHE B 10 41.21 21.38 -14.56
C PHE B 10 40.86 20.81 -13.17
N VAL B 11 41.81 20.90 -12.23
CA VAL B 11 41.62 20.42 -10.87
C VAL B 11 42.11 21.54 -9.97
N TRP B 12 41.26 21.95 -9.04
CA TRP B 12 41.63 22.93 -8.03
C TRP B 12 41.51 22.32 -6.65
N ARG B 13 42.10 23.00 -5.67
CA ARG B 13 42.00 22.56 -4.29
C ARG B 13 40.94 23.44 -3.59
N SER B 14 40.05 22.79 -2.85
CA SER B 14 39.10 23.48 -1.97
C SER B 14 39.56 23.28 -0.54
N GLU B 15 39.69 24.37 0.19
CA GLU B 15 39.94 24.33 1.64
C GLU B 15 38.66 24.32 2.45
N ILE B 16 37.57 24.87 1.92
CA ILE B 16 36.22 24.80 2.50
C ILE B 16 35.84 23.32 2.60
N PHE B 17 36.05 22.56 1.52
CA PHE B 17 35.73 21.10 1.50
C PHE B 17 36.94 20.19 1.73
N GLU B 18 38.15 20.76 1.89
CA GLU B 18 39.39 20.00 2.15
C GLU B 18 39.56 18.80 1.21
N CYS B 19 39.49 19.09 -0.08
CA CYS B 19 39.57 18.07 -1.12
C CYS B 19 39.81 18.71 -2.46
N GLN B 20 40.00 17.87 -3.46
CA GLN B 20 40.09 18.33 -4.86
C GLN B 20 38.69 18.53 -5.41
N SER B 21 38.59 19.46 -6.36
CA SER B 21 37.37 19.83 -7.04
C SER B 21 36.77 18.65 -7.82
N THR B 22 37.58 17.62 -8.12
CA THR B 22 37.19 16.40 -8.83
C THR B 22 36.72 15.24 -7.93
N ASP B 23 36.73 15.44 -6.60
CA ASP B 23 36.38 14.40 -5.64
C ASP B 23 34.86 14.19 -5.56
N ILE B 24 34.38 13.45 -6.55
CA ILE B 24 32.97 13.19 -6.73
C ILE B 24 32.41 12.31 -5.61
N GLN B 25 33.21 11.39 -5.08
CA GLN B 25 32.79 10.55 -3.96
C GLN B 25 32.47 11.40 -2.75
N ARG B 26 33.37 12.35 -2.45
CA ARG B 26 33.14 13.29 -1.36
C ARG B 26 31.96 14.24 -1.63
N PHE B 27 31.84 14.74 -2.85
CA PHE B 27 30.72 15.59 -3.22
C PHE B 27 29.37 14.91 -2.93
N TYR B 28 29.20 13.70 -3.45
CA TYR B 28 27.97 12.91 -3.20
C TYR B 28 27.75 12.57 -1.70
N SER B 29 28.82 12.23 -0.98
CA SER B 29 28.74 11.97 0.47
C SER B 29 28.20 13.13 1.23
N LEU B 30 28.73 14.32 0.94
CA LEU B 30 28.33 15.53 1.62
C LEU B 30 26.95 15.97 1.17
N LEU B 31 26.64 15.77 -0.11
CA LEU B 31 25.33 16.08 -0.64
C LEU B 31 24.26 15.20 0.05
N ALA B 32 24.55 13.92 0.25
CA ALA B 32 23.66 13.02 0.95
C ALA B 32 23.38 13.46 2.39
N ILE B 33 24.39 13.98 3.06
CA ILE B 33 24.25 14.53 4.41
C ILE B 33 23.35 15.77 4.43
N GLU B 34 23.50 16.65 3.44
CA GLU B 34 22.63 17.85 3.35
C GLU B 34 21.19 17.49 2.97
N THR B 35 21.02 16.51 2.11
CA THR B 35 19.70 15.98 1.77
C THR B 35 18.99 15.49 3.04
N GLU B 36 19.71 14.70 3.83
CA GLU B 36 19.19 14.18 5.09
C GLU B 36 18.91 15.31 6.10
N ARG B 37 19.79 16.30 6.18
CA ARG B 37 19.60 17.36 7.18
C ARG B 37 18.34 18.22 6.92
N LEU B 38 18.20 18.62 5.65
CA LEU B 38 17.12 19.48 5.17
C LEU B 38 15.87 18.71 4.86
N GLY B 39 15.92 17.38 4.88
CA GLY B 39 14.81 16.57 4.51
C GLY B 39 14.44 16.75 3.04
N LEU B 40 15.42 16.90 2.14
CA LEU B 40 15.12 17.11 0.73
C LEU B 40 14.59 15.81 0.11
N GLY B 41 13.58 15.93 -0.75
CA GLY B 41 13.13 14.84 -1.59
C GLY B 41 14.26 14.62 -2.62
N SER B 42 14.42 13.39 -3.04
CA SER B 42 15.47 13.02 -3.95
C SER B 42 14.92 12.16 -5.06
N LYS B 43 15.20 12.49 -6.31
CA LYS B 43 14.77 11.65 -7.44
C LYS B 43 15.97 11.44 -8.32
N ILE B 44 16.20 10.19 -8.72
CA ILE B 44 17.28 9.88 -9.65
C ILE B 44 16.65 9.98 -11.06
N LEU B 45 17.06 10.95 -11.84
CA LEU B 45 16.54 11.10 -13.21
C LEU B 45 17.12 10.06 -14.16
N GLY B 46 18.35 9.64 -13.89
CA GLY B 46 19.03 8.62 -14.65
C GLY B 46 20.45 8.57 -14.14
N GLN B 47 21.29 7.88 -14.90
CA GLN B 47 22.69 7.66 -14.54
C GLN B 47 23.60 8.08 -15.68
N ALA B 48 24.77 8.62 -15.36
CA ALA B 48 25.80 8.94 -16.34
C ALA B 48 27.02 8.26 -15.78
N GLY B 49 27.57 7.28 -16.51
CA GLY B 49 28.76 6.54 -16.08
C GLY B 49 28.65 5.96 -14.69
N HIS B 50 27.45 5.46 -14.40
CA HIS B 50 27.09 4.86 -13.11
C HIS B 50 27.09 5.86 -11.95
N HIS B 51 26.94 7.16 -12.26
CA HIS B 51 26.79 8.18 -11.24
C HIS B 51 25.36 8.69 -11.41
N PRO B 52 24.63 8.92 -10.31
CA PRO B 52 23.27 9.39 -10.45
C PRO B 52 23.13 10.89 -10.80
N LEU B 53 22.20 11.16 -11.71
CA LEU B 53 21.72 12.51 -12.06
C LEU B 53 20.53 12.79 -11.17
N TYR B 54 20.77 13.54 -10.10
CA TYR B 54 19.72 13.83 -9.13
C TYR B 54 18.94 15.10 -9.36
N LEU B 55 17.64 15.01 -9.06
CA LEU B 55 16.76 16.20 -8.88
C LEU B 55 16.39 16.22 -7.40
N LEU B 56 16.85 17.23 -6.67
CA LEU B 56 16.54 17.39 -5.27
C LEU B 56 15.47 18.46 -5.11
N GLN B 57 14.56 18.25 -4.19
CA GLN B 57 13.45 19.17 -3.98
C GLN B 57 13.22 19.45 -2.51
N SER B 58 12.91 20.71 -2.19
CA SER B 58 12.63 21.11 -0.84
C SER B 58 11.41 20.35 -0.31
N PRO B 59 11.36 20.08 0.99
CA PRO B 59 10.20 19.36 1.52
C PRO B 59 8.96 20.28 1.60
N GLY B 60 7.80 19.65 1.58
CA GLY B 60 6.52 20.30 1.74
C GLY B 60 6.21 21.38 0.71
N GLN B 61 6.53 21.12 -0.56
CA GLN B 61 6.22 22.07 -1.63
C GLN B 61 4.70 22.22 -1.75
N LYS B 62 4.25 23.48 -1.92
CA LYS B 62 2.85 23.89 -1.90
C LYS B 62 2.54 24.72 -3.14
N ALA B 63 1.28 24.69 -3.59
CA ALA B 63 0.80 25.51 -4.74
C ALA B 63 1.00 27.04 -4.66
N GLY B 64 0.84 27.66 -3.50
CA GLY B 64 0.99 29.15 -3.47
C GLY B 64 2.39 29.75 -3.62
N LEU B 65 3.43 28.93 -3.56
CA LEU B 65 4.81 29.40 -3.54
C LEU B 65 5.49 29.35 -4.91
N PRO B 66 6.49 30.23 -5.15
CA PRO B 66 7.24 30.20 -6.40
C PRO B 66 8.05 28.93 -6.59
N ASN B 67 8.10 28.47 -7.84
CA ASN B 67 8.86 27.31 -8.27
C ASN B 67 10.13 27.81 -8.89
N LEU B 68 11.24 27.50 -8.23
CA LEU B 68 12.57 27.93 -8.65
C LEU B 68 13.43 26.69 -8.80
N LEU B 69 14.24 26.66 -9.87
CA LEU B 69 15.19 25.59 -10.15
C LEU B 69 16.61 26.14 -10.22
N ILE B 70 17.54 25.53 -9.47
CA ILE B 70 18.97 25.86 -9.53
C ILE B 70 19.64 24.66 -10.14
N SER B 71 20.50 24.85 -11.13
CA SER B 71 21.23 23.71 -11.74
C SER B 71 22.71 24.03 -11.80
N ALA B 72 23.52 22.99 -11.80
CA ALA B 72 24.96 23.16 -11.82
C ALA B 72 25.65 21.94 -12.39
N GLY B 73 26.89 22.14 -12.81
CA GLY B 73 27.71 21.03 -13.30
C GLY B 73 27.42 20.49 -14.68
N PHE B 74 26.95 21.32 -15.59
CA PHE B 74 26.77 20.94 -16.98
C PHE B 74 28.13 20.63 -17.62
N HIS B 75 29.12 21.48 -17.33
CA HIS B 75 30.50 21.35 -17.77
C HIS B 75 31.31 20.92 -16.58
N GLY B 76 32.06 19.84 -16.71
CA GLY B 76 32.81 19.29 -15.59
C GLY B 76 33.94 20.12 -15.03
N GLU B 77 34.57 20.94 -15.88
CA GLU B 77 35.63 21.88 -15.49
CA GLU B 77 35.66 21.81 -15.40
C GLU B 77 35.13 23.03 -14.60
N GLU B 78 33.82 23.31 -14.64
CA GLU B 78 33.18 24.44 -13.96
C GLU B 78 32.68 23.98 -12.62
N SER B 79 33.62 23.42 -11.85
CA SER B 79 33.33 22.73 -10.60
C SER B 79 32.88 23.58 -9.43
N ALA B 80 33.10 24.93 -9.45
CA ALA B 80 32.60 25.76 -8.35
C ALA B 80 31.08 25.79 -8.35
N GLY B 81 30.42 25.47 -9.46
CA GLY B 81 28.96 25.37 -9.48
C GLY B 81 28.41 24.31 -8.54
N PRO B 82 28.76 23.02 -8.76
CA PRO B 82 28.28 21.99 -7.79
C PRO B 82 28.78 22.17 -6.33
N TRP B 83 30.05 22.52 -6.12
CA TRP B 83 30.53 22.76 -4.75
C TRP B 83 29.87 23.99 -4.14
N GLY B 84 29.61 25.01 -4.94
CA GLY B 84 28.88 26.21 -4.54
C GLY B 84 27.48 25.86 -4.06
N LEU B 85 26.84 24.99 -4.79
CA LEU B 85 25.52 24.48 -4.43
C LEU B 85 25.52 23.72 -3.09
N LEU B 86 26.57 22.93 -2.86
CA LEU B 86 26.71 22.20 -1.62
C LEU B 86 26.92 23.25 -0.48
N HIS B 87 27.77 24.25 -0.73
CA HIS B 87 27.96 25.34 0.25
C HIS B 87 26.64 26.09 0.54
N PHE B 88 25.84 26.32 -0.51
CA PHE B 88 24.54 26.98 -0.39
C PHE B 88 23.56 26.21 0.51
N LEU B 89 23.46 24.90 0.28
CA LEU B 89 22.61 24.05 1.13
C LEU B 89 23.07 24.06 2.57
N SER B 90 24.40 24.02 2.79
CA SER B 90 25.03 24.04 4.15
C SER B 90 24.67 25.26 4.99
N GLN B 91 24.33 26.38 4.32
CA GLN B 91 23.91 27.61 4.97
C GLN B 91 22.42 27.69 5.24
N LEU B 92 21.62 26.79 4.68
CA LEU B 92 20.18 26.89 4.88
C LEU B 92 19.83 26.20 6.19
N ASP B 93 18.93 26.81 6.97
CA ASP B 93 18.36 26.19 8.17
C ASP B 93 17.02 25.60 7.82
N GLY B 94 16.46 25.92 6.66
CA GLY B 94 15.19 25.35 6.22
C GLY B 94 13.92 26.19 6.30
N GLU B 95 14.01 27.39 6.88
CA GLU B 95 12.89 28.31 6.88
C GLU B 95 12.60 28.84 5.48
N LEU B 96 13.63 28.85 4.63
CA LEU B 96 13.50 29.22 3.21
C LEU B 96 12.39 28.46 2.48
N PHE B 97 12.21 27.20 2.84
CA PHE B 97 11.25 26.31 2.19
C PHE B 97 9.77 26.65 2.48
N LYS B 98 9.50 27.41 3.54
CA LYS B 98 8.15 27.90 3.81
C LYS B 98 7.77 28.98 2.79
N ARG B 99 8.74 29.58 2.12
CA ARG B 99 8.42 30.58 1.13
C ARG B 99 8.80 30.23 -0.34
N VAL B 100 9.42 29.08 -0.59
CA VAL B 100 9.75 28.66 -1.94
C VAL B 100 9.67 27.14 -2.15
N ASN B 101 9.33 26.75 -3.38
CA ASN B 101 9.38 25.39 -3.83
C ASN B 101 10.67 25.34 -4.63
N LEU B 102 11.77 25.08 -3.90
CA LEU B 102 13.10 25.03 -4.51
C LEU B 102 13.44 23.61 -4.99
N SER B 103 13.86 23.53 -6.24
CA SER B 103 14.33 22.31 -6.86
C SER B 103 15.77 22.54 -7.30
N VAL B 104 16.59 21.49 -7.26
CA VAL B 104 17.99 21.57 -7.61
CA VAL B 104 17.99 21.60 -7.66
C VAL B 104 18.46 20.37 -8.44
N LEU B 105 19.27 20.65 -9.47
CA LEU B 105 19.97 19.68 -10.29
C LEU B 105 21.45 19.92 -9.87
N PRO B 106 21.92 19.25 -8.79
CA PRO B 106 23.24 19.63 -8.28
C PRO B 106 24.46 19.26 -9.13
N LEU B 107 24.33 18.27 -10.02
CA LEU B 107 25.45 17.79 -10.85
C LEU B 107 24.90 17.09 -12.08
N VAL B 108 24.89 17.83 -13.19
CA VAL B 108 24.35 17.30 -14.45
C VAL B 108 25.35 16.42 -15.19
N ASN B 109 26.65 16.71 -15.05
CA ASN B 109 27.71 16.03 -15.78
C ASN B 109 28.72 15.38 -14.81
N PRO B 110 28.31 14.30 -14.14
CA PRO B 110 29.24 13.65 -13.18
C PRO B 110 30.49 13.05 -13.81
N THR B 111 30.42 12.50 -15.03
CA THR B 111 31.60 11.89 -15.62
C THR B 111 32.64 12.98 -15.93
N GLY B 112 32.21 14.13 -16.42
CA GLY B 112 33.14 15.27 -16.66
C GLY B 112 33.67 15.84 -15.35
N PHE B 113 32.78 15.95 -14.35
CA PHE B 113 33.09 16.48 -13.02
C PHE B 113 34.17 15.66 -12.36
N ALA B 114 34.03 14.33 -12.40
CA ALA B 114 35.04 13.41 -11.84
C ALA B 114 36.46 13.54 -12.47
N LYS B 115 36.54 13.90 -13.74
CA LYS B 115 37.80 14.05 -14.46
C LYS B 115 38.24 15.49 -14.58
N GLY B 116 37.38 16.45 -14.28
CA GLY B 116 37.75 17.85 -14.40
C GLY B 116 37.74 18.37 -15.83
N HIS B 117 36.88 17.81 -16.68
CA HIS B 117 36.79 18.30 -18.06
C HIS B 117 35.37 18.69 -18.45
N ARG B 118 35.30 19.61 -19.40
CA ARG B 118 34.03 20.13 -19.86
C ARG B 118 33.03 19.05 -20.32
N PHE B 119 33.45 18.16 -21.19
CA PHE B 119 32.53 17.19 -21.75
C PHE B 119 32.32 16.00 -20.84
N ASN B 120 31.27 15.23 -21.14
CA ASN B 120 31.06 13.97 -20.47
C ASN B 120 32.10 12.96 -21.01
N GLU B 121 32.07 11.74 -20.50
CA GLU B 121 33.01 10.69 -20.92
C GLU B 121 32.88 10.27 -22.40
N LEU B 122 31.72 10.51 -23.01
CA LEU B 122 31.52 10.27 -24.43
C LEU B 122 31.97 11.45 -25.31
N GLY B 123 32.45 12.56 -24.72
CA GLY B 123 32.90 13.74 -25.47
C GLY B 123 31.76 14.70 -25.84
N GLU B 124 30.60 14.51 -25.24
CA GLU B 124 29.42 15.33 -25.53
C GLU B 124 29.36 16.52 -24.58
N ASN B 125 28.71 17.59 -25.05
CA ASN B 125 28.48 18.80 -24.27
C ASN B 125 27.07 18.82 -23.68
N PRO B 126 26.90 18.48 -22.38
CA PRO B 126 25.54 18.46 -21.82
C PRO B 126 24.73 19.74 -21.82
N ASN B 127 25.35 20.90 -21.96
CA ASN B 127 24.64 22.17 -21.99
C ASN B 127 24.10 22.58 -23.40
N ARG B 128 24.17 21.71 -24.40
CA ARG B 128 23.67 22.01 -25.73
C ARG B 128 22.64 21.00 -26.17
N GLY B 129 21.82 21.39 -27.12
CA GLY B 129 20.89 20.45 -27.70
C GLY B 129 19.54 20.32 -27.08
N PHE B 130 19.01 21.44 -26.58
CA PHE B 130 17.67 21.52 -26.00
C PHE B 130 16.88 22.35 -26.97
N PHE B 131 15.96 21.70 -27.67
CA PHE B 131 15.22 22.33 -28.73
C PHE B 131 13.75 22.32 -28.47
N ILE B 132 13.08 23.30 -29.08
CA ILE B 132 11.63 23.38 -29.11
C ILE B 132 11.29 23.62 -30.59
N GLU B 133 10.53 22.73 -31.21
CA GLU B 133 10.09 22.91 -32.61
C GLU B 133 8.59 22.70 -32.59
N ASN B 134 7.84 23.68 -33.12
CA ASN B 134 6.35 23.67 -33.10
C ASN B 134 5.80 23.62 -31.66
N GLY B 135 6.43 24.37 -30.75
CA GLY B 135 6.09 24.34 -29.32
C GLY B 135 6.29 23.00 -28.60
N LYS B 136 7.13 22.09 -29.14
CA LYS B 136 7.37 20.78 -28.56
C LYS B 136 8.87 20.61 -28.25
N ALA B 137 9.17 20.15 -27.03
CA ALA B 137 10.55 19.92 -26.54
C ALA B 137 11.12 18.70 -27.23
N LYS B 138 12.35 18.82 -27.75
CA LYS B 138 13.04 17.77 -28.51
C LYS B 138 14.55 17.78 -28.36
N PRO B 139 15.19 16.59 -28.39
CA PRO B 139 16.64 16.56 -28.49
C PRO B 139 17.01 16.71 -29.99
N GLY B 140 18.30 16.81 -30.28
CA GLY B 140 18.80 16.90 -31.65
C GLY B 140 20.06 16.09 -31.72
N ALA B 141 20.83 16.25 -32.80
CA ALA B 141 22.05 15.46 -33.02
C ALA B 141 23.15 15.63 -31.97
N ASP B 142 23.30 16.84 -31.43
CA ASP B 142 24.32 17.15 -30.41
C ASP B 142 23.82 17.09 -28.94
N THR B 143 22.60 16.60 -28.70
CA THR B 143 22.16 16.48 -27.32
C THR B 143 22.95 15.33 -26.64
N SER B 144 23.47 15.58 -25.45
CA SER B 144 24.18 14.57 -24.72
C SER B 144 23.20 13.55 -24.09
N ALA B 145 23.76 12.41 -23.66
CA ALA B 145 23.05 11.39 -22.90
C ALA B 145 22.30 12.04 -21.70
N GLU B 146 22.99 12.91 -20.99
CA GLU B 146 22.42 13.62 -19.84
C GLU B 146 21.31 14.61 -20.26
N GLY B 147 21.53 15.37 -21.34
CA GLY B 147 20.51 16.25 -21.90
C GLY B 147 19.24 15.49 -22.31
N ARG B 148 19.43 14.31 -22.88
CA ARG B 148 18.32 13.41 -23.21
C ARG B 148 17.54 12.96 -21.95
N ILE B 149 18.25 12.70 -20.83
CA ILE B 149 17.61 12.39 -19.54
CA ILE B 149 17.56 12.36 -19.60
C ILE B 149 16.72 13.57 -19.12
N LEU B 150 17.30 14.76 -19.14
CA LEU B 150 16.55 15.96 -18.75
C LEU B 150 15.32 16.24 -19.64
N LEU B 151 15.46 16.06 -20.96
CA LEU B 151 14.34 16.28 -21.86
C LEU B 151 13.23 15.26 -21.62
N GLU B 152 13.58 14.00 -21.29
CA GLU B 152 12.59 12.98 -20.90
C GLU B 152 11.79 13.38 -19.67
N HIS B 153 12.32 14.28 -18.85
CA HIS B 153 11.61 14.90 -17.70
C HIS B 153 11.34 16.37 -17.92
N ALA B 154 11.16 16.79 -19.17
CA ALA B 154 10.98 18.19 -19.52
C ALA B 154 9.89 18.88 -18.72
N HIS B 155 8.72 18.25 -18.67
CA HIS B 155 7.56 18.86 -18.01
C HIS B 155 7.78 19.07 -16.53
N LEU B 156 8.40 18.08 -15.88
CA LEU B 156 8.77 18.21 -14.46
C LEU B 156 9.72 19.39 -14.23
N LEU B 157 10.72 19.54 -15.10
CA LEU B 157 11.73 20.62 -14.95
C LEU B 157 11.16 22.00 -15.31
N GLN B 158 10.20 21.99 -16.24
CA GLN B 158 9.45 23.19 -16.66
C GLN B 158 8.56 23.71 -15.49
N VAL B 159 7.75 22.83 -14.91
CA VAL B 159 6.97 23.24 -13.73
C VAL B 159 7.89 23.71 -12.58
N ALA B 160 8.98 22.96 -12.33
CA ALA B 160 9.99 23.29 -11.28
C ALA B 160 10.67 24.62 -11.42
N SER B 161 10.78 25.12 -12.65
CA SER B 161 11.44 26.38 -12.99
C SER B 161 10.48 27.47 -13.43
N ARG B 162 9.19 27.28 -13.23
CA ARG B 162 8.17 28.22 -13.70
C ARG B 162 8.44 29.66 -13.33
N ASP B 163 8.91 29.90 -12.11
CA ASP B 163 9.18 31.26 -11.61
C ASP B 163 10.64 31.70 -11.65
N GLY B 164 11.52 30.83 -12.16
CA GLY B 164 12.90 31.15 -12.30
C GLY B 164 13.81 29.95 -12.45
N ILE B 165 14.79 30.10 -13.33
CA ILE B 165 15.89 29.14 -13.52
C ILE B 165 17.22 29.90 -13.33
N LEU B 166 18.07 29.38 -12.44
CA LEU B 166 19.43 29.84 -12.25
C LEU B 166 20.31 28.64 -12.60
N THR B 167 21.27 28.84 -13.49
CA THR B 167 22.24 27.78 -13.79
C THR B 167 23.60 28.36 -13.52
N CYS B 168 24.43 27.60 -12.83
CA CYS B 168 25.70 28.09 -12.29
C CYS B 168 26.90 27.52 -13.01
N HIS B 169 27.49 28.37 -13.84
CA HIS B 169 28.61 28.08 -14.69
C HIS B 169 29.86 28.85 -14.29
N GLU B 170 30.95 28.50 -14.96
CA GLU B 170 32.23 29.17 -14.80
C GLU B 170 32.84 29.36 -16.17
N ASP B 171 33.63 30.42 -16.29
CA ASP B 171 34.37 30.74 -17.50
C ASP B 171 35.82 30.59 -17.09
N VAL B 172 36.35 29.44 -17.48
CA VAL B 172 37.71 29.03 -17.17
CA VAL B 172 37.71 29.03 -17.19
C VAL B 172 38.79 29.97 -17.74
N LEU B 173 38.53 30.66 -18.83
CA LEU B 173 39.45 31.59 -19.42
C LEU B 173 39.40 33.00 -18.77
N THR B 175 39.12 36.03 -15.63
CA THR B 175 39.45 36.61 -14.33
C THR B 175 38.24 37.38 -13.76
N ASP B 176 37.48 38.03 -14.65
CA ASP B 176 36.29 38.81 -14.30
C ASP B 176 34.99 38.02 -14.48
N THR B 177 33.96 38.54 -13.82
CA THR B 177 32.68 37.90 -13.77
C THR B 177 31.60 38.62 -14.61
N TYR B 178 30.57 37.86 -14.98
CA TYR B 178 29.48 38.37 -15.79
C TYR B 178 28.35 37.35 -15.68
N VAL B 179 27.17 37.71 -16.19
CA VAL B 179 26.01 36.82 -16.16
C VAL B 179 25.30 36.85 -17.50
N TYR B 180 24.63 35.75 -17.83
CA TYR B 180 23.69 35.74 -18.93
C TYR B 180 22.38 35.87 -18.19
N THR B 181 21.48 36.75 -18.61
CA THR B 181 20.17 36.78 -17.98
C THR B 181 19.04 36.85 -19.01
N PHE B 182 17.86 36.51 -18.52
CA PHE B 182 16.64 36.56 -19.29
C PHE B 182 15.58 37.22 -18.45
N GLU B 183 14.99 38.28 -19.00
CA GLU B 183 13.88 38.96 -18.35
C GLU B 183 12.93 39.42 -19.44
N PRO B 184 11.62 39.51 -19.12
CA PRO B 184 10.66 40.01 -20.14
C PRO B 184 10.66 41.53 -20.21
N SER B 185 11.78 42.15 -20.58
CA SER B 185 11.90 43.60 -20.60
C SER B 185 12.88 44.02 -21.70
N GLN B 186 12.87 45.30 -22.06
CA GLN B 186 13.77 45.79 -23.12
C GLN B 186 15.24 45.72 -22.70
N ALA B 187 15.50 46.04 -21.43
CA ALA B 187 16.84 46.04 -20.91
C ALA B 187 16.88 45.34 -19.55
N PRO B 188 18.09 44.95 -19.10
CA PRO B 188 18.16 44.30 -17.80
C PRO B 188 17.67 45.21 -16.69
N GLY B 189 17.00 44.61 -15.71
CA GLY B 189 16.43 45.28 -14.58
C GLY B 189 17.07 44.79 -13.31
N ARG B 190 16.35 44.96 -12.22
CA ARG B 190 16.80 44.62 -10.87
C ARG B 190 17.26 43.18 -10.71
N PHE B 191 16.55 42.26 -11.34
CA PHE B 191 16.90 40.84 -11.30
C PHE B 191 18.31 40.60 -11.82
N SER B 192 18.58 41.10 -13.02
CA SER B 192 19.88 40.91 -13.63
C SER B 192 20.97 41.62 -12.85
N HIS B 193 20.69 42.87 -12.45
CA HIS B 193 21.67 43.69 -11.73
C HIS B 193 22.00 43.13 -10.35
N SER B 194 21.01 42.58 -9.65
CA SER B 194 21.25 41.96 -8.32
C SER B 194 22.18 40.75 -8.42
N LEU B 195 21.90 39.89 -9.41
CA LEU B 195 22.70 38.70 -9.62
C LEU B 195 24.13 39.07 -9.96
N ARG B 196 24.33 39.97 -10.90
CA ARG B 196 25.72 40.33 -11.19
C ARG B 196 26.42 41.06 -10.06
N ASP B 197 25.70 41.89 -9.33
CA ASP B 197 26.29 42.57 -8.17
C ASP B 197 26.69 41.57 -7.08
N ALA B 198 25.97 40.46 -6.97
CA ALA B 198 26.30 39.41 -6.01
C ALA B 198 27.67 38.79 -6.30
N LEU B 199 27.89 38.49 -7.58
CA LEU B 199 29.16 37.98 -8.08
C LEU B 199 30.18 39.07 -7.98
N GLY B 200 29.77 40.31 -8.19
CA GLY B 200 30.61 41.48 -8.10
C GLY B 200 31.17 41.76 -6.73
N GLN B 201 30.60 41.16 -5.67
CA GLN B 201 31.19 41.26 -4.33
C GLN B 201 32.51 40.46 -4.23
N TYR B 202 32.74 39.53 -5.17
CA TYR B 202 33.89 38.66 -5.19
C TYR B 202 34.87 38.95 -6.31
N PHE B 203 34.38 39.30 -7.50
CA PHE B 203 35.24 39.48 -8.68
C PHE B 203 34.89 40.75 -9.42
N PRO B 204 35.88 41.43 -10.03
CA PRO B 204 35.51 42.56 -10.83
C PRO B 204 34.59 42.14 -11.99
N ILE B 205 33.75 43.06 -12.41
CA ILE B 205 32.81 42.78 -13.49
CA ILE B 205 32.81 42.81 -13.50
C ILE B 205 33.52 42.94 -14.84
N ALA B 206 33.31 41.95 -15.72
CA ALA B 206 33.91 41.96 -17.05
C ALA B 206 33.68 43.25 -17.77
N ALA B 207 34.71 43.72 -18.46
CA ALA B 207 34.64 44.89 -19.28
C ALA B 207 33.71 44.57 -20.47
N ASP B 208 33.11 45.58 -21.08
CA ASP B 208 32.26 45.35 -22.24
C ASP B 208 33.13 44.88 -23.39
N GLY B 209 32.56 43.96 -24.17
CA GLY B 209 33.19 43.36 -25.32
C GLY B 209 32.34 42.16 -25.68
N ASP B 210 32.95 41.17 -26.32
CA ASP B 210 32.23 39.96 -26.72
C ASP B 210 32.79 38.81 -25.95
N VAL B 211 31.89 37.92 -25.55
CA VAL B 211 32.24 36.65 -24.91
C VAL B 211 31.52 35.64 -25.80
N ASP B 212 32.31 34.73 -26.39
CA ASP B 212 31.93 33.78 -27.44
C ASP B 212 30.83 34.31 -28.35
N ASN B 213 31.16 35.42 -29.01
CA ASN B 213 30.34 36.10 -29.99
C ASN B 213 29.01 36.70 -29.48
N CYS B 214 28.90 36.92 -28.17
CA CYS B 214 27.76 37.58 -27.56
C CYS B 214 28.25 38.87 -26.95
N PRO B 215 27.54 39.97 -27.20
CA PRO B 215 27.91 41.17 -26.48
C PRO B 215 27.55 41.11 -24.95
N VAL B 216 28.55 41.39 -24.14
CA VAL B 216 28.40 41.50 -22.68
C VAL B 216 28.45 43.00 -22.42
N ARG B 217 27.43 43.49 -21.73
CA ARG B 217 27.24 44.93 -21.48
C ARG B 217 26.97 45.09 -20.02
N SER B 218 27.87 45.81 -19.36
CA SER B 218 27.87 46.05 -17.93
C SER B 218 27.69 44.76 -17.15
N GLY B 219 28.45 43.74 -17.57
CA GLY B 219 28.44 42.43 -16.98
C GLY B 219 27.28 41.51 -17.28
N VAL B 220 26.41 41.92 -18.21
CA VAL B 220 25.19 41.19 -18.56
C VAL B 220 25.12 40.88 -20.05
N ILE B 221 24.87 39.61 -20.39
CA ILE B 221 24.55 39.17 -21.74
C ILE B 221 23.06 38.97 -21.66
N PHE B 222 22.30 39.83 -22.31
CA PHE B 222 20.83 39.86 -22.11
C PHE B 222 20.01 39.21 -23.21
N ASN B 223 19.08 38.32 -22.81
CA ASN B 223 18.16 37.61 -23.70
C ASN B 223 18.80 36.96 -24.96
N HIS B 224 19.89 36.21 -24.72
CA HIS B 224 20.59 35.48 -25.76
C HIS B 224 20.05 34.06 -25.81
N PHE B 225 19.25 33.76 -26.81
CA PHE B 225 18.63 32.45 -26.92
C PHE B 225 19.45 31.56 -27.80
N ASP B 226 19.81 30.40 -27.28
CA ASP B 226 20.60 29.41 -28.03
C ASP B 226 19.98 28.04 -27.73
N THR B 227 20.75 26.95 -27.70
CA THR B 227 20.19 25.63 -27.38
C THR B 227 20.57 25.12 -25.99
N SER B 228 20.85 26.06 -25.08
CA SER B 228 21.22 25.74 -23.70
C SER B 228 19.99 25.38 -22.90
N PHE B 229 20.22 24.77 -21.75
CA PHE B 229 19.15 24.37 -20.85
C PHE B 229 18.34 25.57 -20.34
N GLU B 230 19.05 26.62 -19.96
CA GLU B 230 18.45 27.86 -19.47
C GLU B 230 17.63 28.54 -20.56
N SER B 231 18.07 28.52 -21.82
CA SER B 231 17.24 29.06 -22.94
C SER B 231 15.99 28.25 -23.09
N PHE B 232 16.16 26.95 -23.10
CA PHE B 232 15.02 26.04 -23.20
C PHE B 232 13.96 26.30 -22.13
N LEU B 233 14.41 26.43 -20.86
CA LEU B 233 13.50 26.60 -19.73
C LEU B 233 12.81 27.97 -19.78
N VAL B 234 13.52 29.01 -20.24
CA VAL B 234 12.90 30.34 -20.44
C VAL B 234 11.88 30.32 -21.62
N ARG B 235 12.26 29.69 -22.74
CA ARG B 235 11.31 29.56 -23.85
C ARG B 235 10.09 28.76 -23.41
N SER B 236 10.31 27.79 -22.51
CA SER B 236 9.24 26.95 -21.94
C SER B 236 8.33 27.63 -20.91
N GLY B 237 8.65 28.86 -20.50
CA GLY B 237 7.84 29.65 -19.58
C GLY B 237 8.50 30.13 -18.30
N ALA B 238 9.77 29.79 -18.02
CA ALA B 238 10.44 30.26 -16.78
C ALA B 238 10.37 31.78 -16.80
N ARG B 239 9.86 32.41 -15.72
CA ARG B 239 9.61 33.88 -15.76
C ARG B 239 10.88 34.69 -16.08
N VAL B 240 11.95 34.33 -15.37
CA VAL B 240 13.24 34.96 -15.56
C VAL B 240 14.26 33.83 -15.54
N GLY B 241 15.46 34.15 -16.00
CA GLY B 241 16.53 33.17 -16.08
C GLY B 241 17.88 33.80 -15.87
N CYS B 242 18.79 33.05 -15.27
CA CYS B 242 20.17 33.49 -15.15
C CYS B 242 21.15 32.33 -15.34
N CYS B 243 22.26 32.61 -16.03
CA CYS B 243 23.41 31.72 -16.12
C CYS B 243 24.58 32.55 -15.56
N SER B 244 24.97 32.27 -14.33
CA SER B 244 26.10 32.97 -13.74
C SER B 244 27.38 32.38 -14.26
N GLU B 245 28.40 33.23 -14.42
CA GLU B 245 29.72 32.86 -14.92
C GLU B 245 30.81 33.36 -13.97
N THR B 246 31.22 32.50 -13.03
CA THR B 246 32.28 32.86 -12.12
C THR B 246 33.57 32.62 -12.88
N PRO B 247 34.62 33.39 -12.60
CA PRO B 247 35.84 33.22 -13.42
C PRO B 247 36.70 32.07 -12.94
N GLY B 248 37.16 31.18 -13.84
CA GLY B 248 38.02 30.05 -13.43
C GLY B 248 39.45 30.41 -13.01
N GLN B 249 39.93 31.60 -13.34
CA GLN B 249 41.27 32.06 -12.94
C GLN B 249 41.26 32.77 -11.59
N GLN B 250 40.48 32.26 -10.66
CA GLN B 250 40.36 32.82 -9.33
C GLN B 250 40.45 31.61 -8.43
N PRO B 251 40.66 31.79 -7.12
CA PRO B 251 40.71 30.64 -6.20
C PRO B 251 39.38 29.90 -6.14
N LEU B 252 39.43 28.58 -6.13
CA LEU B 252 38.22 27.79 -6.14
C LEU B 252 37.25 28.19 -5.04
N ASP B 253 37.75 28.39 -3.81
CA ASP B 253 36.87 28.72 -2.70
C ASP B 253 36.17 30.06 -2.84
N GLN B 254 36.79 31.04 -3.50
CA GLN B 254 36.14 32.32 -3.75
C GLN B 254 34.97 32.15 -4.77
N ARG B 255 35.22 31.31 -5.77
CA ARG B 255 34.20 30.95 -6.73
C ARG B 255 33.06 30.15 -6.08
N ILE B 256 33.39 29.19 -5.20
CA ILE B 256 32.37 28.46 -4.43
C ILE B 256 31.44 29.43 -3.66
N LEU B 257 32.08 30.36 -2.93
CA LEU B 257 31.36 31.37 -2.14
C LEU B 257 30.48 32.26 -3.00
N ALA B 258 31.03 32.73 -4.12
CA ALA B 258 30.31 33.54 -5.12
C ALA B 258 29.13 32.82 -5.74
N ASN B 259 29.27 31.53 -6.01
CA ASN B 259 28.16 30.72 -6.54
C ASN B 259 26.99 30.63 -5.54
N ALA B 260 27.30 30.26 -4.31
CA ALA B 260 26.31 30.20 -3.25
C ALA B 260 25.67 31.56 -3.05
N ALA B 261 26.47 32.64 -3.12
CA ALA B 261 25.95 33.99 -3.02
C ALA B 261 24.95 34.33 -4.13
N ALA B 262 25.23 33.90 -5.37
CA ALA B 262 24.33 34.14 -6.50
C ALA B 262 23.03 33.33 -6.27
N ASN B 264 21.77 32.54 -3.30
CA ASN B 264 21.10 33.27 -2.23
C ASN B 264 20.35 34.45 -2.75
N THR B 265 21.00 35.21 -3.60
CA THR B 265 20.35 36.36 -4.22
C THR B 265 19.16 36.00 -5.08
N PHE B 266 19.32 34.96 -5.90
CA PHE B 266 18.27 34.40 -6.74
C PHE B 266 17.03 34.04 -5.91
N VAL B 267 17.22 33.29 -4.84
CA VAL B 267 16.08 32.88 -3.99
C VAL B 267 15.49 34.08 -3.19
N ASN B 268 16.32 35.01 -2.73
CA ASN B 268 15.81 36.17 -2.00
C ASN B 268 15.00 37.14 -2.86
N LEU B 270 13.40 36.32 -5.84
CA LEU B 270 12.25 35.65 -6.41
C LEU B 270 11.27 35.00 -5.41
N ALA B 271 11.71 34.79 -4.18
CA ALA B 271 10.88 34.24 -3.10
C ALA B 271 11.24 34.95 -1.80
N PRO B 272 11.00 36.27 -1.74
CA PRO B 272 11.39 37.04 -0.55
C PRO B 272 10.46 36.84 0.66
N GLU B 273 10.88 37.48 1.77
CA GLU B 273 10.15 37.66 3.09
C GLU B 273 10.22 36.48 4.07
N PHE C 7 -7.20 -14.77 11.11
CA PHE C 7 -6.44 -13.71 11.86
C PHE C 7 -7.05 -13.27 13.21
N GLN C 8 -8.37 -13.11 13.17
CA GLN C 8 -9.22 -12.66 14.28
C GLN C 8 -9.15 -13.50 15.60
N THR C 9 -9.20 -12.83 16.76
CA THR C 9 -9.14 -13.55 18.06
CA THR C 9 -9.14 -13.51 18.07
C THR C 9 -10.53 -14.00 18.53
N PHE C 10 -10.63 -15.23 19.02
CA PHE C 10 -11.88 -15.81 19.51
C PHE C 10 -11.63 -16.45 20.88
N VAL C 11 -12.48 -16.13 21.87
CA VAL C 11 -12.39 -16.69 23.22
C VAL C 11 -13.81 -17.04 23.66
N TRP C 12 -13.99 -18.28 24.12
CA TRP C 12 -15.25 -18.77 24.66
C TRP C 12 -15.07 -19.18 26.12
N ARG C 13 -16.18 -19.31 26.83
CA ARG C 13 -16.18 -19.79 28.19
C ARG C 13 -16.59 -21.26 28.20
N SER C 14 -15.85 -22.09 28.94
CA SER C 14 -16.23 -23.47 29.21
C SER C 14 -16.69 -23.57 30.65
N GLU C 15 -17.90 -24.10 30.87
CA GLU C 15 -18.40 -24.40 32.20
C GLU C 15 -18.04 -25.83 32.62
N ILE C 16 -17.77 -26.69 31.66
CA ILE C 16 -17.22 -28.04 31.94
C ILE C 16 -15.84 -27.86 32.58
N PHE C 17 -15.04 -26.93 32.07
CA PHE C 17 -13.72 -26.70 32.62
C PHE C 17 -13.58 -25.44 33.44
N GLU C 18 -14.64 -24.67 33.62
CA GLU C 18 -14.67 -23.44 34.42
C GLU C 18 -13.52 -22.50 34.12
N CYS C 19 -13.33 -22.20 32.84
CA CYS C 19 -12.23 -21.33 32.43
C CYS C 19 -12.47 -20.91 31.00
N GLN C 20 -11.61 -20.01 30.52
CA GLN C 20 -11.63 -19.52 29.16
C GLN C 20 -10.95 -20.50 28.26
N SER C 21 -11.42 -20.52 27.01
CA SER C 21 -10.87 -21.43 25.99
C SER C 21 -9.37 -21.23 25.71
N THR C 22 -8.82 -20.06 26.06
CA THR C 22 -7.41 -19.76 25.87
C THR C 22 -6.50 -20.08 27.08
N ASP C 23 -7.09 -20.62 28.16
CA ASP C 23 -6.36 -20.91 29.40
C ASP C 23 -5.47 -22.15 29.24
N ILE C 24 -4.36 -21.93 28.55
CA ILE C 24 -3.39 -22.96 28.22
C ILE C 24 -2.72 -23.53 29.47
N GLN C 25 -2.52 -22.69 30.49
CA GLN C 25 -1.93 -23.15 31.75
C GLN C 25 -2.85 -24.17 32.41
N ARG C 26 -4.14 -23.88 32.41
CA ARG C 26 -5.07 -24.82 33.00
C ARG C 26 -5.20 -26.08 32.15
N PHE C 27 -5.17 -25.94 30.81
CA PHE C 27 -5.22 -27.05 29.93
C PHE C 27 -4.08 -28.03 30.20
N TYR C 28 -2.85 -27.53 30.21
CA TYR C 28 -1.69 -28.37 30.47
C TYR C 28 -1.72 -29.02 31.88
N SER C 29 -2.17 -28.27 32.87
CA SER C 29 -2.30 -28.75 34.27
C SER C 29 -3.32 -29.88 34.38
N LEU C 30 -4.46 -29.69 33.74
CA LEU C 30 -5.50 -30.70 33.72
C LEU C 30 -5.12 -31.94 32.89
N LEU C 31 -4.50 -31.71 31.73
CA LEU C 31 -3.97 -32.77 30.89
C LEU C 31 -2.92 -33.60 31.63
N ALA C 32 -2.05 -32.95 32.41
CA ALA C 32 -1.02 -33.65 33.22
C ALA C 32 -1.67 -34.61 34.25
N ILE C 33 -2.75 -34.18 34.88
CA ILE C 33 -3.50 -35.04 35.79
C ILE C 33 -4.06 -36.27 35.05
N GLU C 34 -4.65 -36.08 33.86
CA GLU C 34 -5.14 -37.22 33.05
C GLU C 34 -4.01 -38.10 32.54
N THR C 35 -2.86 -37.51 32.23
CA THR C 35 -1.65 -38.25 31.81
C THR C 35 -1.21 -39.13 32.95
N GLU C 36 -1.14 -38.54 34.13
CA GLU C 36 -0.80 -39.30 35.34
C GLU C 36 -1.82 -40.46 35.61
N ARG C 37 -3.11 -40.15 35.57
CA ARG C 37 -4.15 -41.12 35.89
C ARG C 37 -4.13 -42.33 34.96
N LEU C 38 -4.05 -42.06 33.67
CA LEU C 38 -4.07 -43.08 32.65
C LEU C 38 -2.72 -43.72 32.40
N GLY C 39 -1.64 -43.19 32.99
CA GLY C 39 -0.29 -43.77 32.86
C GLY C 39 0.28 -43.54 31.48
N LEU C 40 -0.12 -42.45 30.82
CA LEU C 40 0.31 -42.17 29.46
C LEU C 40 1.79 -41.79 29.43
N GLY C 41 2.52 -42.35 28.46
CA GLY C 41 3.87 -41.93 28.15
C GLY C 41 3.76 -40.52 27.53
N SER C 42 4.72 -39.66 27.83
CA SER C 42 4.76 -38.28 27.37
C SER C 42 6.06 -38.04 26.62
N LYS C 43 5.99 -37.63 25.36
CA LYS C 43 7.19 -37.22 24.60
C LYS C 43 7.01 -35.76 24.20
N ILE C 44 8.04 -34.94 24.38
CA ILE C 44 7.99 -33.54 23.91
C ILE C 44 8.63 -33.57 22.51
N LEU C 45 7.82 -33.41 21.47
CA LEU C 45 8.33 -33.48 20.10
C LEU C 45 9.12 -32.22 19.76
N GLY C 46 8.72 -31.11 20.35
CA GLY C 46 9.41 -29.85 20.17
C GLY C 46 8.70 -28.81 21.00
N GLN C 47 9.15 -27.57 20.87
CA GLN C 47 8.56 -26.43 21.59
C GLN C 47 8.10 -25.42 20.54
N ALA C 48 7.01 -24.73 20.87
CA ALA C 48 6.46 -23.64 20.08
C ALA C 48 6.17 -22.51 21.06
N GLY C 49 6.93 -21.42 20.96
CA GLY C 49 6.77 -20.26 21.87
C GLY C 49 6.86 -20.61 23.34
N HIS C 50 7.79 -21.52 23.64
CA HIS C 50 8.06 -22.08 25.00
C HIS C 50 6.92 -22.90 25.59
N HIS C 51 6.11 -23.50 24.72
CA HIS C 51 5.07 -24.40 25.13
C HIS C 51 5.43 -25.71 24.44
N PRO C 52 5.34 -26.84 25.18
CA PRO C 52 5.63 -28.12 24.56
C PRO C 52 4.58 -28.64 23.60
N LEU C 53 5.04 -29.28 22.53
CA LEU C 53 4.21 -30.03 21.60
C LEU C 53 4.36 -31.45 22.07
N TYR C 54 3.29 -32.00 22.67
CA TYR C 54 3.32 -33.36 23.21
C TYR C 54 2.71 -34.42 22.31
N LEU C 55 3.30 -35.62 22.40
CA LEU C 55 2.74 -36.85 21.88
C LEU C 55 2.56 -37.69 23.15
N LEU C 56 1.31 -37.94 23.50
CA LEU C 56 0.97 -38.80 24.62
C LEU C 56 0.63 -40.15 24.04
N GLN C 57 1.09 -41.23 24.69
CA GLN C 57 0.85 -42.59 24.21
C GLN C 57 0.44 -43.48 25.34
N SER C 58 -0.56 -44.30 25.08
CA SER C 58 -1.05 -45.26 26.03
C SER C 58 0.06 -46.19 26.47
N PRO C 59 0.01 -46.64 27.74
CA PRO C 59 1.01 -47.53 28.24
C PRO C 59 0.76 -48.95 27.73
N GLY C 60 1.84 -49.70 27.71
CA GLY C 60 1.88 -51.07 27.32
C GLY C 60 1.41 -51.32 25.92
N GLN C 61 1.93 -50.55 24.95
CA GLN C 61 1.45 -50.71 23.57
C GLN C 61 1.95 -52.06 23.06
N LYS C 62 1.08 -52.78 22.37
CA LYS C 62 1.38 -54.14 21.92
C LYS C 62 1.29 -54.24 20.41
N ALA C 63 2.23 -54.99 19.82
CA ALA C 63 2.32 -55.18 18.38
C ALA C 63 0.98 -55.62 17.76
N GLY C 64 0.23 -56.47 18.42
CA GLY C 64 -1.03 -56.96 17.84
C GLY C 64 -2.28 -56.07 17.89
N LEU C 65 -2.21 -54.92 18.56
CA LEU C 65 -3.33 -54.03 18.69
C LEU C 65 -3.28 -52.90 17.65
N PRO C 66 -4.46 -52.38 17.25
CA PRO C 66 -4.45 -51.27 16.29
C PRO C 66 -3.80 -50.00 16.86
N ASN C 67 -3.13 -49.27 15.98
CA ASN C 67 -2.47 -48.04 16.30
C ASN C 67 -3.33 -46.92 15.75
N LEU C 68 -3.90 -46.13 16.67
CA LEU C 68 -4.77 -45.00 16.38
CA LEU C 68 -4.75 -45.01 16.35
C LEU C 68 -4.15 -43.73 16.92
N LEU C 69 -4.26 -42.65 16.15
CA LEU C 69 -3.74 -41.35 16.54
C LEU C 69 -4.92 -40.33 16.46
N ILE C 70 -5.10 -39.55 17.53
CA ILE C 70 -6.03 -38.42 17.59
C ILE C 70 -5.19 -37.15 17.75
N SER C 71 -5.42 -36.14 16.92
CA SER C 71 -4.68 -34.88 17.00
C SER C 71 -5.67 -33.73 17.04
N ALA C 72 -5.27 -32.64 17.71
CA ALA C 72 -6.10 -31.45 17.84
C ALA C 72 -5.25 -30.20 17.94
N GLY C 73 -5.92 -29.08 17.76
CA GLY C 73 -5.31 -27.79 17.95
C GLY C 73 -4.28 -27.30 16.97
N PHE C 74 -4.45 -27.63 15.69
CA PHE C 74 -3.61 -27.07 14.64
C PHE C 74 -3.90 -25.59 14.49
N HIS C 75 -5.17 -25.24 14.59
CA HIS C 75 -5.62 -23.83 14.55
C HIS C 75 -6.02 -23.43 15.94
N GLY C 76 -5.49 -22.31 16.41
CA GLY C 76 -5.70 -21.90 17.78
C GLY C 76 -7.08 -21.43 18.18
N GLU C 77 -7.91 -20.97 17.22
CA GLU C 77 -9.28 -20.59 17.53
C GLU C 77 -10.21 -21.80 17.50
N GLU C 78 -9.72 -22.97 17.08
CA GLU C 78 -10.52 -24.18 17.01
C GLU C 78 -10.31 -24.94 18.31
N SER C 79 -10.60 -24.26 19.42
CA SER C 79 -10.21 -24.71 20.75
C SER C 79 -11.03 -25.86 21.36
N ALA C 80 -12.23 -26.16 20.83
CA ALA C 80 -12.99 -27.32 21.34
C ALA C 80 -12.29 -28.67 20.99
N GLY C 81 -11.34 -28.66 20.06
CA GLY C 81 -10.54 -29.84 19.75
C GLY C 81 -9.75 -30.25 20.96
N PRO C 82 -8.76 -29.44 21.38
CA PRO C 82 -7.97 -29.75 22.57
C PRO C 82 -8.78 -30.00 23.84
N TRP C 83 -9.70 -29.08 24.17
CA TRP C 83 -10.54 -29.23 25.34
C TRP C 83 -11.42 -30.49 25.23
N GLY C 84 -11.92 -30.77 24.02
CA GLY C 84 -12.63 -32.05 23.74
C GLY C 84 -11.78 -33.29 23.98
N LEU C 85 -10.55 -33.24 23.56
CA LEU C 85 -9.62 -34.37 23.80
C LEU C 85 -9.34 -34.54 25.29
N LEU C 86 -9.19 -33.43 26.01
CA LEU C 86 -9.04 -33.47 27.47
C LEU C 86 -10.32 -34.10 28.04
N HIS C 87 -11.50 -33.66 27.60
CA HIS C 87 -12.73 -34.24 28.11
C HIS C 87 -12.80 -35.74 27.82
N PHE C 88 -12.48 -36.12 26.59
CA PHE C 88 -12.40 -37.53 26.17
C PHE C 88 -11.52 -38.39 27.10
N LEU C 89 -10.30 -37.91 27.37
CA LEU C 89 -9.34 -38.61 28.27
CA LEU C 89 -9.36 -38.62 28.25
C LEU C 89 -9.89 -38.76 29.66
N SER C 90 -10.55 -37.70 30.16
CA SER C 90 -11.12 -37.69 31.52
CA SER C 90 -11.12 -37.69 31.52
C SER C 90 -12.18 -38.76 31.74
N GLN C 91 -12.85 -39.21 30.66
CA GLN C 91 -13.88 -40.23 30.75
C GLN C 91 -13.38 -41.63 30.53
N LEU C 92 -12.12 -41.82 30.13
CA LEU C 92 -11.57 -43.18 29.95
C LEU C 92 -11.17 -43.84 31.28
N ASP C 93 -11.37 -45.15 31.41
CA ASP C 93 -10.91 -45.89 32.60
C ASP C 93 -9.58 -46.63 32.35
N GLY C 94 -9.09 -46.65 31.11
CA GLY C 94 -7.83 -47.30 30.83
C GLY C 94 -7.93 -48.76 30.46
N GLU C 95 -9.13 -49.35 30.57
CA GLU C 95 -9.37 -50.72 30.13
C GLU C 95 -9.26 -50.76 28.59
N LEU C 96 -9.58 -49.62 27.98
CA LEU C 96 -9.45 -49.35 26.57
C LEU C 96 -8.09 -49.77 25.99
N PHE C 97 -7.02 -49.51 26.73
CA PHE C 97 -5.66 -49.74 26.26
C PHE C 97 -5.28 -51.19 26.11
N LYS C 98 -6.12 -52.10 26.61
CA LYS C 98 -5.94 -53.51 26.36
C LYS C 98 -6.41 -53.86 24.95
N ARG C 99 -7.12 -52.98 24.25
CA ARG C 99 -7.52 -53.29 22.85
C ARG C 99 -7.08 -52.30 21.78
N VAL C 100 -6.30 -51.28 22.15
CA VAL C 100 -5.83 -50.27 21.23
C VAL C 100 -4.55 -49.59 21.73
N ASN C 101 -3.68 -49.23 20.80
CA ASN C 101 -2.45 -48.45 21.06
C ASN C 101 -2.84 -47.04 20.67
N LEU C 102 -3.29 -46.28 21.64
CA LEU C 102 -3.77 -44.92 21.42
C LEU C 102 -2.69 -43.89 21.62
N SER C 103 -2.50 -43.04 20.62
CA SER C 103 -1.57 -41.93 20.69
C SER C 103 -2.38 -40.69 20.48
N VAL C 104 -1.96 -39.60 21.13
CA VAL C 104 -2.63 -38.32 20.97
CA VAL C 104 -2.63 -38.31 21.06
C VAL C 104 -1.64 -37.14 20.89
N LEU C 105 -1.93 -36.22 19.94
CA LEU C 105 -1.24 -34.93 19.80
C LEU C 105 -2.31 -33.96 20.35
N PRO C 106 -2.30 -33.67 21.65
CA PRO C 106 -3.44 -32.88 22.17
C PRO C 106 -3.54 -31.39 21.79
N LEU C 107 -2.41 -30.79 21.45
CA LEU C 107 -2.34 -29.39 21.12
C LEU C 107 -1.10 -29.15 20.25
N VAL C 108 -1.31 -28.96 18.94
CA VAL C 108 -0.26 -28.79 17.97
C VAL C 108 0.23 -27.33 17.84
N ASN C 109 -0.69 -26.37 18.01
CA ASN C 109 -0.38 -24.91 17.90
C ASN C 109 -0.66 -24.18 19.24
N PRO C 110 0.21 -24.41 20.23
CA PRO C 110 -0.02 -23.77 21.53
C PRO C 110 -0.01 -22.23 21.52
N THR C 111 0.81 -21.60 20.68
CA THR C 111 0.90 -20.13 20.66
C THR C 111 -0.43 -19.53 20.20
N GLY C 112 -1.02 -20.14 19.18
CA GLY C 112 -2.32 -19.74 18.70
C GLY C 112 -3.45 -20.03 19.69
N PHE C 113 -3.42 -21.21 20.27
CA PHE C 113 -4.38 -21.63 21.31
C PHE C 113 -4.42 -20.66 22.50
N ALA C 114 -3.25 -20.26 22.99
CA ALA C 114 -3.10 -19.32 24.09
C ALA C 114 -3.68 -17.95 23.77
N LYS C 115 -3.69 -17.55 22.50
CA LYS C 115 -4.21 -16.25 22.09
C LYS C 115 -5.60 -16.31 21.42
N GLY C 116 -6.08 -17.48 21.10
CA GLY C 116 -7.35 -17.60 20.44
C GLY C 116 -7.33 -17.23 18.98
N HIS C 117 -6.19 -17.42 18.31
CA HIS C 117 -6.17 -17.18 16.85
CA HIS C 117 -6.12 -17.15 16.87
C HIS C 117 -5.65 -18.38 16.09
N ARG C 118 -6.12 -18.45 14.84
CA ARG C 118 -5.83 -19.51 13.93
C ARG C 118 -4.36 -19.84 13.77
N PHE C 119 -3.55 -18.85 13.45
CA PHE C 119 -2.16 -19.09 13.13
C PHE C 119 -1.30 -19.14 14.39
N ASN C 120 -0.05 -19.58 14.20
CA ASN C 120 0.96 -19.59 15.28
C ASN C 120 1.49 -18.17 15.47
N GLU C 121 2.38 -17.98 16.43
CA GLU C 121 2.94 -16.64 16.70
C GLU C 121 3.70 -16.00 15.50
N LEU C 122 4.19 -16.84 14.57
CA LEU C 122 4.85 -16.37 13.34
C LEU C 122 3.87 -16.10 12.16
N GLY C 123 2.57 -16.32 12.37
CA GLY C 123 1.57 -16.13 11.35
C GLY C 123 1.46 -17.27 10.37
N GLU C 124 1.94 -18.45 10.72
CA GLU C 124 1.89 -19.59 9.82
C GLU C 124 0.70 -20.47 10.16
N ASN C 125 0.27 -21.24 9.18
CA ASN C 125 -0.82 -22.16 9.29
C ASN C 125 -0.21 -23.51 9.60
N PRO C 126 -0.30 -23.96 10.85
CA PRO C 126 0.30 -25.25 11.14
C PRO C 126 -0.36 -26.51 10.52
N ASN C 127 -1.51 -26.38 9.87
CA ASN C 127 -2.13 -27.56 9.24
C ASN C 127 -1.82 -27.68 7.75
N ARG C 128 -0.88 -26.91 7.24
CA ARG C 128 -0.46 -27.01 5.83
C ARG C 128 1.00 -27.38 5.79
N GLY C 129 1.40 -28.05 4.70
CA GLY C 129 2.79 -28.37 4.45
C GLY C 129 3.33 -29.73 4.84
N PHE C 130 2.48 -30.75 4.86
CA PHE C 130 2.88 -32.14 5.14
C PHE C 130 2.83 -32.88 3.81
N PHE C 131 4.00 -33.35 3.39
CA PHE C 131 4.15 -34.01 2.13
C PHE C 131 4.83 -35.36 2.24
N ILE C 132 4.44 -36.25 1.36
CA ILE C 132 5.06 -37.53 1.21
C ILE C 132 5.11 -37.74 -0.32
N GLU C 133 6.34 -37.80 -0.85
CA GLU C 133 6.65 -37.96 -2.29
C GLU C 133 7.51 -39.21 -2.45
N ASN C 134 7.07 -40.22 -3.22
CA ASN C 134 7.81 -41.49 -3.40
C ASN C 134 8.17 -42.13 -2.03
N GLY C 135 7.18 -42.13 -1.14
CA GLY C 135 7.32 -42.69 0.20
C GLY C 135 8.15 -41.94 1.25
N LYS C 136 8.74 -40.79 0.90
CA LYS C 136 9.56 -39.98 1.82
C LYS C 136 8.77 -38.75 2.32
N ALA C 137 8.62 -38.67 3.65
CA ALA C 137 7.96 -37.55 4.32
C ALA C 137 8.93 -36.38 4.25
N LYS C 138 8.42 -35.20 3.88
CA LYS C 138 9.25 -34.02 3.70
C LYS C 138 8.40 -32.80 3.96
N PRO C 139 9.03 -31.72 4.45
CA PRO C 139 8.36 -30.44 4.46
C PRO C 139 8.41 -29.85 3.03
N GLY C 140 7.75 -28.72 2.84
CA GLY C 140 7.80 -27.97 1.59
C GLY C 140 7.96 -26.49 1.87
N ALA C 141 7.71 -25.69 0.84
CA ALA C 141 7.80 -24.23 0.93
C ALA C 141 6.86 -23.56 1.96
N ASP C 142 5.72 -24.17 2.24
CA ASP C 142 4.75 -23.59 3.18
C ASP C 142 4.61 -24.32 4.54
N THR C 143 5.59 -25.16 4.91
CA THR C 143 5.47 -25.89 6.18
C THR C 143 5.83 -24.96 7.37
N SER C 144 4.95 -24.90 8.36
CA SER C 144 5.17 -24.08 9.55
C SER C 144 6.21 -24.72 10.45
N ALA C 145 6.66 -23.98 11.45
CA ALA C 145 7.59 -24.52 12.46
C ALA C 145 7.03 -25.79 13.16
N GLU C 146 5.75 -25.78 13.50
CA GLU C 146 5.14 -26.93 14.16
C GLU C 146 5.10 -28.14 13.22
N GLY C 147 4.75 -27.89 11.96
CA GLY C 147 4.78 -28.92 10.95
C GLY C 147 6.13 -29.53 10.75
N ARG C 148 7.20 -28.72 10.82
CA ARG C 148 8.56 -29.24 10.69
C ARG C 148 8.91 -30.13 11.87
N ILE C 149 8.39 -29.80 13.05
CA ILE C 149 8.58 -30.65 14.24
C ILE C 149 7.89 -32.01 14.07
N LEU C 150 6.65 -32.02 13.59
CA LEU C 150 5.96 -33.28 13.37
C LEU C 150 6.65 -34.09 12.29
N LEU C 151 7.03 -33.46 11.19
CA LEU C 151 7.75 -34.17 10.10
C LEU C 151 9.10 -34.74 10.52
N GLU C 152 9.80 -34.09 11.47
CA GLU C 152 11.02 -34.64 12.04
C GLU C 152 10.74 -35.97 12.75
N HIS C 153 9.50 -36.18 13.21
CA HIS C 153 9.03 -37.40 13.85
C HIS C 153 7.99 -38.15 13.00
N ALA C 154 8.17 -38.11 11.68
CA ALA C 154 7.24 -38.67 10.72
C ALA C 154 7.03 -40.15 10.94
N HIS C 155 8.10 -40.91 11.08
CA HIS C 155 7.98 -42.36 11.27
C HIS C 155 7.19 -42.76 12.52
N LEU C 156 7.45 -42.07 13.62
CA LEU C 156 6.74 -42.29 14.88
C LEU C 156 5.24 -42.03 14.71
N LEU C 157 4.91 -40.95 14.02
CA LEU C 157 3.53 -40.55 13.82
C LEU C 157 2.78 -41.41 12.82
N GLN C 158 3.49 -41.86 11.78
CA GLN C 158 2.95 -42.79 10.79
C GLN C 158 2.63 -44.14 11.46
N VAL C 159 3.56 -44.65 12.25
CA VAL C 159 3.33 -45.90 12.99
C VAL C 159 2.19 -45.73 13.98
N ALA C 160 2.16 -44.62 14.72
CA ALA C 160 1.10 -44.29 15.65
C ALA C 160 -0.29 -44.20 15.01
N SER C 161 -0.37 -43.96 13.69
CA SER C 161 -1.65 -43.76 12.99
C SER C 161 -1.94 -44.80 11.90
N ARG C 162 -1.21 -45.93 11.90
CA ARG C 162 -1.33 -46.92 10.85
C ARG C 162 -2.77 -47.42 10.63
N ASP C 163 -3.52 -47.54 11.72
CA ASP C 163 -4.91 -48.04 11.68
C ASP C 163 -5.95 -46.93 11.71
N GLY C 164 -5.51 -45.68 11.81
CA GLY C 164 -6.44 -44.58 11.75
C GLY C 164 -5.91 -43.29 12.30
N ILE C 165 -6.31 -42.18 11.67
CA ILE C 165 -5.99 -40.83 12.12
C ILE C 165 -7.31 -40.05 12.25
N LEU C 166 -7.55 -39.47 13.43
CA LEU C 166 -8.63 -38.55 13.63
C LEU C 166 -8.01 -37.25 14.00
N THR C 167 -8.34 -36.20 13.26
CA THR C 167 -7.94 -34.81 13.56
CA THR C 167 -7.93 -34.84 13.62
C THR C 167 -9.23 -34.00 13.87
N CYS C 168 -9.23 -33.27 14.98
CA CYS C 168 -10.40 -32.53 15.49
C CYS C 168 -10.30 -31.05 15.33
N HIS C 169 -10.96 -30.56 14.29
CA HIS C 169 -11.00 -29.18 13.89
C HIS C 169 -12.36 -28.56 14.17
N GLU C 170 -12.39 -27.25 13.99
CA GLU C 170 -13.61 -26.50 14.00
C GLU C 170 -13.63 -25.56 12.80
N ASP C 171 -14.85 -25.25 12.38
CA ASP C 171 -15.11 -24.30 11.33
C ASP C 171 -15.81 -23.15 12.06
N VAL C 172 -15.00 -22.16 12.38
CA VAL C 172 -15.39 -21.13 13.34
C VAL C 172 -16.65 -20.36 12.93
N LEU C 173 -16.82 -20.10 11.65
CA LEU C 173 -17.98 -19.36 11.15
C LEU C 173 -19.24 -20.21 10.80
N THR C 175 -22.44 -22.89 11.65
CA THR C 175 -23.43 -23.35 12.63
C THR C 175 -23.65 -24.86 12.53
N ASP C 176 -23.50 -25.41 11.31
CA ASP C 176 -23.74 -26.82 11.02
C ASP C 176 -22.41 -27.61 10.97
N THR C 177 -22.50 -28.91 11.24
CA THR C 177 -21.29 -29.75 11.38
C THR C 177 -21.13 -30.62 10.14
N TYR C 178 -19.90 -31.06 9.89
CA TYR C 178 -19.57 -31.94 8.76
C TYR C 178 -18.18 -32.60 9.05
N VAL C 179 -17.83 -33.57 8.22
CA VAL C 179 -16.53 -34.25 8.36
C VAL C 179 -15.85 -34.41 6.99
N TYR C 180 -14.53 -34.46 7.03
CA TYR C 180 -13.72 -34.84 5.90
C TYR C 180 -13.33 -36.24 6.28
N THR C 181 -13.53 -37.21 5.40
CA THR C 181 -13.08 -38.58 5.71
C THR C 181 -12.30 -39.17 4.55
N PHE C 182 -11.54 -40.21 4.88
CA PHE C 182 -10.77 -40.98 3.93
C PHE C 182 -11.08 -42.40 4.22
N GLU C 183 -11.45 -43.13 3.19
CA GLU C 183 -11.67 -44.58 3.29
C GLU C 183 -11.23 -45.23 2.00
N PRO C 184 -10.85 -46.52 2.03
CA PRO C 184 -10.45 -47.22 0.77
C PRO C 184 -11.66 -47.78 -0.03
N SER C 185 -12.47 -46.88 -0.52
CA SER C 185 -13.67 -47.14 -1.28
C SER C 185 -13.88 -45.89 -2.11
N GLN C 186 -14.76 -45.98 -3.11
CA GLN C 186 -15.06 -44.85 -3.99
C GLN C 186 -16.04 -43.86 -3.37
N ALA C 187 -16.79 -44.29 -2.35
CA ALA C 187 -17.78 -43.44 -1.67
C ALA C 187 -17.79 -43.74 -0.17
N PRO C 188 -18.25 -42.76 0.67
CA PRO C 188 -18.22 -42.95 2.13
C PRO C 188 -19.00 -44.20 2.54
N GLY C 189 -18.56 -44.84 3.61
CA GLY C 189 -19.25 -46.04 4.12
C GLY C 189 -19.56 -45.83 5.58
N ARG C 190 -19.72 -46.92 6.29
CA ARG C 190 -20.09 -46.89 7.71
C ARG C 190 -19.25 -45.99 8.63
N PHE C 191 -17.93 -46.10 8.48
CA PHE C 191 -16.97 -45.30 9.23
C PHE C 191 -17.32 -43.81 9.12
N SER C 192 -17.51 -43.34 7.90
CA SER C 192 -17.74 -41.92 7.64
C SER C 192 -19.08 -41.51 8.16
N HIS C 193 -20.08 -42.38 7.98
CA HIS C 193 -21.43 -42.07 8.42
C HIS C 193 -21.52 -42.05 9.95
N SER C 194 -20.80 -42.94 10.62
CA SER C 194 -20.83 -43.03 12.10
C SER C 194 -20.22 -41.78 12.73
N LEU C 195 -19.13 -41.27 12.14
CA LEU C 195 -18.50 -40.07 12.65
C LEU C 195 -19.39 -38.85 12.43
N ARG C 196 -19.93 -38.74 11.22
CA ARG C 196 -20.92 -37.69 10.93
C ARG C 196 -22.12 -37.76 11.89
N ASP C 197 -22.63 -38.98 12.11
CA ASP C 197 -23.74 -39.19 13.02
C ASP C 197 -23.41 -38.77 14.47
N ALA C 198 -22.19 -39.04 14.92
CA ALA C 198 -21.74 -38.67 16.25
C ALA C 198 -21.83 -37.14 16.44
N LEU C 199 -21.39 -36.37 15.44
CA LEU C 199 -21.47 -34.93 15.47
C LEU C 199 -22.93 -34.44 15.29
N GLY C 200 -23.72 -35.19 14.52
CA GLY C 200 -25.13 -34.90 14.32
C GLY C 200 -25.98 -35.00 15.56
N GLN C 201 -25.48 -35.66 16.59
CA GLN C 201 -26.20 -35.72 17.88
C GLN C 201 -26.21 -34.39 18.62
N TYR C 202 -25.29 -33.50 18.23
CA TYR C 202 -25.10 -32.18 18.80
C TYR C 202 -25.52 -31.04 17.91
N PHE C 203 -25.28 -31.14 16.60
CA PHE C 203 -25.53 -30.02 15.69
C PHE C 203 -26.19 -30.44 14.41
N PRO C 204 -26.85 -29.48 13.71
CA PRO C 204 -27.37 -29.86 12.39
C PRO C 204 -26.24 -30.19 11.42
N ILE C 205 -26.48 -31.13 10.52
CA ILE C 205 -25.50 -31.51 9.51
C ILE C 205 -25.52 -30.51 8.37
N ALA C 206 -24.36 -29.99 7.98
CA ALA C 206 -24.25 -29.04 6.90
C ALA C 206 -24.93 -29.53 5.61
N ALA C 207 -25.67 -28.64 4.95
CA ALA C 207 -26.31 -29.00 3.69
C ALA C 207 -25.29 -29.24 2.59
N ASP C 208 -25.71 -30.02 1.61
CA ASP C 208 -24.94 -30.29 0.42
C ASP C 208 -24.59 -28.99 -0.26
N GLY C 209 -23.32 -28.87 -0.64
CA GLY C 209 -22.81 -27.69 -1.28
C GLY C 209 -21.33 -27.77 -1.22
N ASP C 210 -20.67 -26.63 -1.37
CA ASP C 210 -19.22 -26.55 -1.34
C ASP C 210 -18.79 -25.91 -0.03
N VAL C 211 -17.96 -26.62 0.72
CA VAL C 211 -17.37 -26.05 1.93
C VAL C 211 -15.92 -25.90 1.59
N ASP C 212 -15.41 -24.66 1.69
CA ASP C 212 -14.03 -24.29 1.35
C ASP C 212 -13.65 -24.80 -0.05
N ASN C 213 -14.62 -24.69 -0.95
CA ASN C 213 -14.51 -25.15 -2.33
C ASN C 213 -14.48 -26.69 -2.55
N CYS C 214 -14.85 -27.48 -1.52
CA CYS C 214 -14.89 -28.94 -1.58
C CYS C 214 -16.31 -29.39 -1.46
N PRO C 215 -16.70 -30.41 -2.22
CA PRO C 215 -18.10 -30.81 -2.10
C PRO C 215 -18.50 -31.64 -0.85
N VAL C 216 -19.39 -31.06 -0.03
CA VAL C 216 -19.95 -31.77 1.11
CA VAL C 216 -19.98 -31.74 1.13
C VAL C 216 -21.23 -32.45 0.61
N ARG C 217 -21.39 -33.71 0.92
CA ARG C 217 -22.53 -34.49 0.46
C ARG C 217 -22.92 -35.33 1.64
N SER C 218 -24.14 -35.12 2.12
CA SER C 218 -24.66 -35.80 3.31
C SER C 218 -23.66 -35.65 4.44
N GLY C 219 -23.19 -34.43 4.68
CA GLY C 219 -22.22 -34.15 5.71
C GLY C 219 -20.78 -34.64 5.58
N VAL C 220 -20.41 -35.23 4.44
CA VAL C 220 -19.04 -35.80 4.25
C VAL C 220 -18.36 -35.20 3.02
N ILE C 221 -17.10 -34.79 3.22
CA ILE C 221 -16.20 -34.40 2.15
C ILE C 221 -15.26 -35.61 2.06
N PHE C 222 -15.36 -36.36 0.98
CA PHE C 222 -14.67 -37.66 0.90
C PHE C 222 -13.43 -37.73 0.03
N ASN C 223 -12.36 -38.31 0.58
CA ASN C 223 -11.09 -38.56 -0.14
C ASN C 223 -10.55 -37.33 -0.85
N HIS C 224 -10.63 -36.18 -0.15
CA HIS C 224 -10.08 -34.93 -0.66
C HIS C 224 -8.63 -34.79 -0.16
N PHE C 225 -7.66 -35.03 -1.03
CA PHE C 225 -6.25 -34.99 -0.67
C PHE C 225 -5.67 -33.56 -0.74
N ASP C 226 -4.94 -33.16 0.27
CA ASP C 226 -4.30 -31.84 0.32
C ASP C 226 -3.00 -31.97 1.07
N THR C 227 -2.48 -30.88 1.64
CA THR C 227 -1.25 -30.91 2.41
C THR C 227 -1.51 -30.93 3.91
N SER C 228 -2.71 -31.33 4.35
CA SER C 228 -3.01 -31.46 5.76
C SER C 228 -2.30 -32.68 6.34
N PHE C 229 -2.25 -32.67 7.66
CA PHE C 229 -1.66 -33.71 8.44
C PHE C 229 -2.39 -35.01 8.21
N GLU C 230 -3.71 -34.94 8.23
CA GLU C 230 -4.50 -36.14 8.03
C GLU C 230 -4.35 -36.76 6.62
N SER C 231 -4.32 -35.91 5.60
CA SER C 231 -4.16 -36.41 4.24
CA SER C 231 -4.14 -36.35 4.25
C SER C 231 -2.76 -37.02 4.14
N PHE C 232 -1.77 -36.37 4.75
CA PHE C 232 -0.40 -36.87 4.80
C PHE C 232 -0.33 -38.25 5.49
N LEU C 233 -1.01 -38.42 6.62
CA LEU C 233 -0.98 -39.72 7.31
C LEU C 233 -1.75 -40.80 6.54
N VAL C 234 -2.83 -40.44 5.82
CA VAL C 234 -3.54 -41.38 4.97
C VAL C 234 -2.60 -41.77 3.79
N ARG C 235 -1.93 -40.81 3.18
CA ARG C 235 -0.96 -41.12 2.12
C ARG C 235 0.22 -41.97 2.62
N SER C 236 0.60 -41.80 3.87
CA SER C 236 1.65 -42.60 4.50
C SER C 236 1.18 -44.03 4.84
N GLY C 237 -0.12 -44.30 4.75
CA GLY C 237 -0.66 -45.65 4.99
C GLY C 237 -1.75 -45.78 6.05
N ALA C 238 -2.12 -44.69 6.75
CA ALA C 238 -3.24 -44.76 7.71
C ALA C 238 -4.46 -45.34 6.97
N ARG C 239 -5.07 -46.40 7.52
CA ARG C 239 -6.13 -47.12 6.79
C ARG C 239 -7.36 -46.24 6.49
N VAL C 240 -7.74 -45.46 7.49
CA VAL C 240 -8.82 -44.52 7.38
C VAL C 240 -8.36 -43.23 8.03
N GLY C 241 -9.07 -42.16 7.72
CA GLY C 241 -8.80 -40.88 8.26
C GLY C 241 -10.08 -40.09 8.41
N CYS C 242 -10.09 -39.21 9.39
CA CYS C 242 -11.22 -38.32 9.62
C CYS C 242 -10.75 -36.97 10.14
N CYS C 243 -11.28 -35.90 9.55
CA CYS C 243 -11.10 -34.54 10.04
C CYS C 243 -12.51 -34.01 10.41
N SER C 244 -12.84 -33.98 11.70
CA SER C 244 -14.15 -33.50 12.13
C SER C 244 -14.17 -31.98 12.19
N GLU C 245 -15.35 -31.41 11.95
CA GLU C 245 -15.50 -29.97 11.91
C GLU C 245 -16.70 -29.57 12.74
N THR C 246 -16.43 -29.25 14.00
CA THR C 246 -17.49 -28.77 14.87
C THR C 246 -17.69 -27.27 14.54
N PRO C 247 -18.93 -26.77 14.64
CA PRO C 247 -19.21 -25.39 14.28
C PRO C 247 -18.90 -24.39 15.38
N GLY C 248 -18.06 -23.40 15.10
CA GLY C 248 -17.71 -22.38 16.10
C GLY C 248 -18.83 -21.46 16.57
N GLN C 249 -19.92 -21.37 15.80
CA GLN C 249 -21.09 -20.58 16.16
C GLN C 249 -22.04 -21.35 17.08
N GLN C 250 -21.52 -22.23 17.90
CA GLN C 250 -22.33 -23.04 18.82
C GLN C 250 -21.66 -22.83 20.18
N PRO C 251 -22.33 -23.21 21.30
CA PRO C 251 -21.70 -23.14 22.65
C PRO C 251 -20.43 -24.00 22.76
N LEU C 252 -19.35 -23.44 23.33
CA LEU C 252 -18.09 -24.15 23.45
C LEU C 252 -18.26 -25.55 24.05
N ASP C 253 -19.06 -25.66 25.11
CA ASP C 253 -19.22 -26.94 25.78
C ASP C 253 -19.89 -28.00 24.91
N GLN C 254 -20.81 -27.60 24.05
CA GLN C 254 -21.41 -28.54 23.14
C GLN C 254 -20.36 -29.03 22.12
N ARG C 255 -19.50 -28.13 21.66
CA ARG C 255 -18.46 -28.48 20.75
C ARG C 255 -17.43 -29.40 21.42
N ILE C 256 -17.15 -29.18 22.70
CA ILE C 256 -16.25 -30.00 23.48
C ILE C 256 -16.82 -31.41 23.58
N LEU C 257 -18.09 -31.50 23.91
CA LEU C 257 -18.74 -32.81 24.02
C LEU C 257 -18.86 -33.51 22.68
N ALA C 258 -19.12 -32.73 21.62
CA ALA C 258 -19.23 -33.27 20.26
C ALA C 258 -17.88 -33.87 19.83
N ASN C 259 -16.81 -33.16 20.12
CA ASN C 259 -15.45 -33.55 19.81
C ASN C 259 -15.08 -34.84 20.51
N ALA C 260 -15.39 -34.91 21.80
CA ALA C 260 -15.16 -36.09 22.60
C ALA C 260 -16.02 -37.23 22.07
N ALA C 261 -17.26 -36.94 21.62
CA ALA C 261 -18.15 -37.94 21.02
C ALA C 261 -17.55 -38.55 19.76
N ALA C 262 -17.06 -37.70 18.87
CA ALA C 262 -16.34 -38.14 17.64
C ALA C 262 -15.14 -39.05 17.96
N ASN C 264 -14.70 -40.88 20.74
CA ASN C 264 -15.30 -42.13 21.20
C ASN C 264 -15.73 -42.98 20.05
N THR C 265 -16.41 -42.38 19.09
CA THR C 265 -16.89 -43.12 17.93
C THR C 265 -15.75 -43.64 17.08
N PHE C 266 -14.76 -42.81 16.85
CA PHE C 266 -13.56 -43.22 16.10
C PHE C 266 -12.93 -44.50 16.68
N VAL C 267 -12.70 -44.50 18.00
CA VAL C 267 -12.07 -45.62 18.66
C VAL C 267 -12.99 -46.83 18.60
N ASN C 268 -14.29 -46.63 18.78
CA ASN C 268 -15.26 -47.74 18.72
C ASN C 268 -15.39 -48.37 17.33
N LEU C 270 -12.88 -48.61 15.11
CA LEU C 270 -11.58 -49.17 14.79
C LEU C 270 -10.93 -50.12 15.82
N ALA C 271 -11.29 -49.98 17.08
CA ALA C 271 -10.85 -50.82 18.20
C ALA C 271 -12.17 -51.23 18.89
N PRO C 272 -12.95 -52.14 18.28
CA PRO C 272 -14.29 -52.33 18.81
C PRO C 272 -14.40 -52.66 20.28
N GLU C 273 -15.51 -52.22 20.87
CA GLU C 273 -15.67 -52.26 22.34
C GLU C 273 -15.42 -53.58 23.04
N LEU C 274 -15.86 -54.66 22.40
CA LEU C 274 -15.72 -56.01 22.94
C LEU C 274 -14.53 -56.80 22.36
N SER C 275 -13.59 -56.10 21.68
CA SER C 275 -12.36 -56.72 21.15
CA SER C 275 -12.37 -56.73 21.14
C SER C 275 -11.24 -56.76 22.17
#